data_6VUG
#
_entry.id   6VUG
#
_cell.length_a   85.876
_cell.length_b   238.103
_cell.length_c   211.711
_cell.angle_alpha   90.000
_cell.angle_beta   90.000
_cell.angle_gamma   90.000
#
_symmetry.space_group_name_H-M   'C 2 2 21'
#
loop_
_entity.id
_entity.type
_entity.pdbx_description
1 polymer 'Reverse transcriptase/ribonuclease H'
2 polymer 'REVERSE TRANSCRIPTASE P51'
3 polymer 'Light chain variable fragment'
4 polymer 'Heavy chain variable fragment'
5 polymer 'DNA (38-MER)'
6 non-polymer 'SULFATE ION'
7 non-polymer GLYCEROL
#
loop_
_entity_poly.entity_id
_entity_poly.type
_entity_poly.pdbx_seq_one_letter_code
_entity_poly.pdbx_strand_id
1 'polypeptide(L)'
;PISPIETVPVKLKPGMDGPKVKQWPLTEEKIKALVEICTEMEKEGKISKIGPENPYNTPVFAIKKKDSTKWRKLVDFREL
NKRTQDFWEVQLGIPHPAGLKKKKSVTVLDVGDAYFSVPLDEDFRKYTAFTIPSINNETPGIRYQYNVLPQGWKGSPAIF
QSSMTKILEPFKKQNPDIVIYQYMDDLYVGSDLEIGQHRTKIEELRQHLLRWGLTTPDKKHQKEPPFLWMGYELHPDKWT
VQPIVLPEKDSWTVNDIQKLVGKLNWASQIYPGIKVRQLSKLLRGTKALTEVIPLTEEAELELAENREILKEPVHGVYYD
PSKDLIAEIQKQGQGQWTYQIYQEPFKNLKTGKYARMRGAHTNDVKQLTEAVQKITTESIVIWGKTPKFKLPIQKETWET
WWTEYWQATWIPEWEFVNTPPLVKLWYQLEKEPIVGAETFYVDGAANRETKLGKAGYVTNKGRQKVVPLTNTTNQKTELQ
AIYLALQDSGLEVNIVTDSQYALGIIQAQPDKSESELVNQIIEQLIKKEKVYLAWVPAHKGIGGNEQVDKLVSAG
;
A
2 'polypeptide(L)'
;MAHHHHHHALEVLFQGPISPIETVPVKLKPGMDGPKVKQWPLTEEKIKALVEICTEMEKEGKISKIGPENPYNTPVFAIK
KKDSTKWRKLVDFRELNKRTQDFWEVQLGIPHPAGLKKKKSVTVLDVGDAYFSVPLDEDFRKYTAFTIPSINNETPGIRY
QYNVLPQGWKGSPAIFQSSMTKILEPFKKQNPDIVIYQYMDDLYVGSDLEIGQHRTKIEELRQHLLRWGLTTPDKKHQKE
PPFLWMGYELHPDKWTVQPIVLPEKDSWTVNDIQKLVGKLNWASQIYPGIKVRQLSKLLRGTKALTEVIPLTEEAELELA
ENREILKEPVHGVYYDPSKDLIAEIQKQGQGQWTYQIYQEPFKNLKTGKYARMRGAHTNDVKQLTEAVQKITTESIVIWG
KTPKFKLPIQKETWETWWTEYWQATWIPEWEFVNTPPLVKLWYQ
;
B
3 'polypeptide(L)'
;GGGGSDIQMTQSPSSLSASVGDRVTITCRASQDISSYLNWYQQKPGKAPKLLIYYTSSLHSGVPSRFSGSRSGTDFTLTI
SSLQPEDFATYYCQQYSKFPWTFGQGTKVEIKGSHHHHHH
;
C
4 'polypeptide(L)'
;MEVQLVESGGGLVQPGGSLRLSCAASGFSLSTSGIGVTWVRQAPGKGLEWLATIWWDDDNRYADSVKGRFTISADTSKNT
AYLQMNCLTAEDTAVYYCAQSAITSVTDSAMDHWGQGTLVTVSS
;
D
5 'polydeoxyribonucleotide'
;(DT)(DA)(DA)(DT)(DA)(DC)(OMC)(DC)(OMC)(DC)(DC)(DC)(DT)(DT)(DC)(DG)(DG)(DT)(DG)
(DC)(DT)(DT)(DT)(DG)(DC)(DA)(DC)(DC)(DG)(DA)(DA)(DG)(DG)(DG)(DG)(DG)(DG)(DG)
;
E
#
loop_
_chem_comp.id
_chem_comp.type
_chem_comp.name
_chem_comp.formula
DA DNA linking 2'-DEOXYADENOSINE-5'-MONOPHOSPHATE 'C10 H14 N5 O6 P'
DC DNA linking 2'-DEOXYCYTIDINE-5'-MONOPHOSPHATE 'C9 H14 N3 O7 P'
DG DNA linking 2'-DEOXYGUANOSINE-5'-MONOPHOSPHATE 'C10 H14 N5 O7 P'
DT DNA linking THYMIDINE-5'-MONOPHOSPHATE 'C10 H15 N2 O8 P'
GOL non-polymer GLYCEROL 'C3 H8 O3'
OMC RNA linking O2'-METHYLYCYTIDINE-5'-MONOPHOSPHATE 'C10 H16 N3 O8 P'
SO4 non-polymer 'SULFATE ION' 'O4 S -2'
#
# COMPACT_ATOMS: atom_id res chain seq x y z
N ILE A 2 31.56 19.88 -30.48
CA ILE A 2 31.32 21.31 -30.66
C ILE A 2 30.95 21.96 -29.33
N SER A 3 30.86 21.16 -28.27
CA SER A 3 30.51 21.63 -26.95
C SER A 3 31.68 21.45 -25.98
N PRO A 4 31.91 22.42 -25.08
CA PRO A 4 33.01 22.29 -24.12
C PRO A 4 32.71 21.38 -22.95
N ILE A 5 31.53 20.76 -22.90
CA ILE A 5 31.16 19.93 -21.77
C ILE A 5 32.09 18.73 -21.68
N GLU A 6 32.35 18.27 -20.44
CA GLU A 6 33.23 17.14 -20.23
C GLU A 6 32.62 15.88 -20.85
N THR A 7 33.47 15.07 -21.47
CA THR A 7 33.03 13.86 -22.12
C THR A 7 32.50 12.85 -21.09
N VAL A 8 31.65 11.94 -21.57
CA VAL A 8 31.04 10.92 -20.72
C VAL A 8 31.76 9.60 -20.99
N PRO A 9 32.45 9.02 -20.01
CA PRO A 9 33.17 7.75 -20.25
C PRO A 9 32.21 6.62 -20.58
N VAL A 10 32.40 6.04 -21.76
CA VAL A 10 31.57 4.93 -22.23
C VAL A 10 32.48 3.81 -22.69
N LYS A 11 32.10 2.57 -22.37
CA LYS A 11 32.87 1.40 -22.77
C LYS A 11 32.01 0.43 -23.58
N LEU A 12 32.44 -0.83 -23.66
CA LEU A 12 31.67 -1.88 -24.32
C LEU A 12 31.48 -3.04 -23.36
N LYS A 13 30.61 -3.96 -23.74
CA LYS A 13 30.36 -5.11 -22.90
C LYS A 13 31.61 -5.98 -22.79
N PRO A 14 31.92 -6.50 -21.62
CA PRO A 14 33.16 -7.29 -21.45
C PRO A 14 33.15 -8.54 -22.32
N GLY A 15 34.24 -8.73 -23.06
CA GLY A 15 34.35 -9.85 -23.97
C GLY A 15 33.78 -9.62 -25.34
N MET A 16 33.81 -8.38 -25.83
CA MET A 16 33.27 -8.04 -27.14
C MET A 16 34.21 -7.08 -27.85
N ASP A 17 34.09 -7.04 -29.17
CA ASP A 17 34.90 -6.17 -30.02
C ASP A 17 33.98 -5.28 -30.83
N GLY A 18 34.59 -4.43 -31.67
CA GLY A 18 33.86 -3.53 -32.53
C GLY A 18 32.96 -4.26 -33.52
N PRO A 19 32.15 -3.50 -34.26
CA PRO A 19 31.19 -4.13 -35.18
C PRO A 19 31.85 -4.96 -36.28
N LYS A 20 32.61 -4.31 -37.15
CA LYS A 20 33.26 -4.95 -38.29
C LYS A 20 32.22 -5.65 -39.18
N VAL A 21 31.27 -4.86 -39.66
CA VAL A 21 30.23 -5.35 -40.53
C VAL A 21 30.52 -4.92 -41.96
N LYS A 22 29.80 -5.50 -42.92
CA LYS A 22 29.96 -5.18 -44.33
C LYS A 22 28.86 -4.24 -44.78
N GLN A 23 29.23 -3.14 -45.41
CA GLN A 23 28.27 -2.17 -45.91
C GLN A 23 27.63 -2.71 -47.18
N TRP A 24 26.30 -2.83 -47.18
CA TRP A 24 25.60 -3.34 -48.34
C TRP A 24 25.57 -2.30 -49.46
N PRO A 25 25.52 -2.72 -50.72
CA PRO A 25 25.64 -1.78 -51.83
C PRO A 25 24.52 -0.75 -51.85
N LEU A 26 24.85 0.44 -52.32
CA LEU A 26 23.92 1.56 -52.42
C LEU A 26 23.72 1.93 -53.89
N THR A 27 22.68 2.71 -54.15
CA THR A 27 22.35 3.12 -55.50
C THR A 27 23.18 4.34 -55.91
N GLU A 28 23.02 4.74 -57.17
CA GLU A 28 23.75 5.92 -57.65
C GLU A 28 23.22 7.20 -57.04
N GLU A 29 21.89 7.34 -56.94
CA GLU A 29 21.30 8.52 -56.34
C GLU A 29 21.54 8.58 -54.83
N LYS A 30 21.89 7.46 -54.21
CA LYS A 30 22.14 7.45 -52.77
C LYS A 30 23.49 8.08 -52.44
N ILE A 31 24.56 7.65 -53.12
CA ILE A 31 25.89 8.20 -52.87
C ILE A 31 26.03 9.65 -53.30
N LYS A 32 25.05 10.18 -54.04
CA LYS A 32 25.11 11.57 -54.46
C LYS A 32 25.06 12.52 -53.27
N ALA A 33 23.98 12.43 -52.47
CA ALA A 33 23.89 13.22 -51.26
C ALA A 33 24.76 12.68 -50.13
N LEU A 34 25.13 11.39 -50.19
CA LEU A 34 26.01 10.83 -49.17
C LEU A 34 27.42 11.39 -49.27
N VAL A 35 27.86 11.76 -50.47
CA VAL A 35 29.16 12.40 -50.62
C VAL A 35 29.11 13.89 -50.33
N GLU A 36 27.93 14.51 -50.46
CA GLU A 36 27.81 15.94 -50.20
C GLU A 36 27.65 16.24 -48.72
N ILE A 37 27.03 15.34 -47.96
CA ILE A 37 26.82 15.58 -46.53
C ILE A 37 28.00 15.12 -45.69
N CYS A 38 28.69 14.05 -46.11
CA CYS A 38 29.84 13.58 -45.35
C CYS A 38 30.99 14.57 -45.37
N THR A 39 31.06 15.41 -46.41
CA THR A 39 32.09 16.45 -46.46
C THR A 39 31.71 17.66 -45.61
N GLU A 40 30.42 17.96 -45.49
CA GLU A 40 29.99 19.09 -44.68
C GLU A 40 30.23 18.84 -43.19
N MET A 41 30.10 17.59 -42.74
CA MET A 41 30.38 17.29 -41.34
C MET A 41 31.87 17.31 -41.05
N GLU A 42 32.68 16.85 -42.01
CA GLU A 42 34.13 16.87 -41.82
C GLU A 42 34.65 18.30 -41.72
N LYS A 43 34.06 19.22 -42.49
CA LYS A 43 34.46 20.62 -42.41
C LYS A 43 33.91 21.27 -41.14
N GLU A 44 32.73 20.85 -40.69
CA GLU A 44 32.12 21.44 -39.50
C GLU A 44 32.74 20.92 -38.21
N GLY A 45 33.61 19.91 -38.27
CA GLY A 45 34.26 19.41 -37.08
C GLY A 45 33.44 18.37 -36.35
N LYS A 46 32.74 17.51 -37.08
CA LYS A 46 31.92 16.47 -36.50
C LYS A 46 32.48 15.07 -36.70
N ILE A 47 33.36 14.87 -37.68
CA ILE A 47 33.94 13.56 -37.97
C ILE A 47 35.39 13.76 -38.43
N SER A 48 36.08 12.64 -38.62
CA SER A 48 37.46 12.64 -39.10
C SER A 48 37.70 11.32 -39.81
N LYS A 49 38.10 11.39 -41.08
CA LYS A 49 38.26 10.20 -41.92
C LYS A 49 39.60 9.50 -41.72
N ILE A 50 40.31 9.79 -40.64
CA ILE A 50 41.61 9.17 -40.38
C ILE A 50 41.46 7.68 -40.12
N ASN A 54 41.84 1.38 -37.30
CA ASN A 54 40.41 1.15 -37.09
C ASN A 54 39.88 0.08 -38.05
N PRO A 55 39.89 -1.17 -37.59
CA PRO A 55 39.42 -2.28 -38.43
C PRO A 55 37.91 -2.53 -38.42
N TYR A 56 37.12 -1.63 -37.84
CA TYR A 56 35.69 -1.83 -37.71
C TYR A 56 34.94 -1.15 -38.85
N ASN A 57 33.66 -1.48 -38.99
CA ASN A 57 32.80 -0.93 -40.03
C ASN A 57 31.35 -1.22 -39.68
N THR A 58 30.48 -0.28 -40.05
CA THR A 58 29.05 -0.43 -39.83
C THR A 58 28.30 -0.05 -41.10
N PRO A 59 27.26 -0.81 -41.45
CA PRO A 59 26.50 -0.48 -42.67
C PRO A 59 25.79 0.87 -42.56
N VAL A 60 25.74 1.58 -43.67
CA VAL A 60 25.15 2.91 -43.73
C VAL A 60 24.14 2.96 -44.86
N PHE A 61 23.06 3.72 -44.66
CA PHE A 61 22.01 3.87 -45.65
C PHE A 61 21.50 5.31 -45.61
N ALA A 62 20.49 5.60 -46.43
CA ALA A 62 19.91 6.93 -46.51
C ALA A 62 18.46 6.82 -46.94
N ILE A 63 17.65 7.76 -46.47
CA ILE A 63 16.22 7.83 -46.79
C ILE A 63 15.85 9.28 -47.05
N LYS A 64 15.09 9.51 -48.12
CA LYS A 64 14.72 10.87 -48.50
C LYS A 64 13.76 11.47 -47.48
N LYS A 65 13.95 12.76 -47.21
CA LYS A 65 13.10 13.48 -46.26
C LYS A 65 11.72 13.74 -46.85
N LYS A 70 14.10 15.84 -49.81
CA LYS A 70 15.56 15.92 -49.73
C LYS A 70 16.15 14.54 -49.43
N TRP A 71 17.00 14.48 -48.40
CA TRP A 71 17.64 13.23 -48.00
C TRP A 71 17.84 13.25 -46.49
N ARG A 72 18.45 12.19 -45.97
CA ARG A 72 18.76 12.07 -44.56
C ARG A 72 19.84 11.02 -44.39
N LYS A 73 20.77 11.27 -43.47
CA LYS A 73 21.89 10.37 -43.21
C LYS A 73 21.65 9.60 -41.91
N LEU A 74 21.69 8.27 -42.00
CA LEU A 74 21.49 7.41 -40.84
C LEU A 74 22.40 6.20 -40.96
N VAL A 75 23.12 5.90 -39.87
CA VAL A 75 24.06 4.78 -39.83
C VAL A 75 23.45 3.66 -39.02
N ASP A 76 23.60 2.44 -39.52
CA ASP A 76 23.06 1.25 -38.85
C ASP A 76 24.05 0.79 -37.80
N PHE A 77 23.83 1.19 -36.55
CA PHE A 77 24.68 0.80 -35.44
C PHE A 77 24.12 -0.37 -34.65
N ARG A 78 23.35 -1.24 -35.30
CA ARG A 78 22.71 -2.33 -34.58
C ARG A 78 23.72 -3.34 -34.05
N GLU A 79 24.87 -3.47 -34.71
CA GLU A 79 25.92 -4.35 -34.20
C GLU A 79 26.75 -3.67 -33.11
N LEU A 80 26.96 -2.37 -33.21
CA LEU A 80 27.65 -1.65 -32.15
C LEU A 80 26.79 -1.55 -30.90
N ASN A 81 25.49 -1.32 -31.09
CA ASN A 81 24.58 -1.25 -29.95
C ASN A 81 24.49 -2.59 -29.23
N LYS A 82 24.52 -3.70 -29.99
CA LYS A 82 24.52 -5.02 -29.37
C LYS A 82 25.80 -5.32 -28.61
N ARG A 83 26.86 -4.52 -28.81
CA ARG A 83 28.13 -4.72 -28.12
C ARG A 83 28.47 -3.59 -27.15
N THR A 84 27.70 -2.50 -27.15
CA THR A 84 27.96 -1.39 -26.26
C THR A 84 27.41 -1.70 -24.86
N GLN A 85 27.94 -0.98 -23.86
CA GLN A 85 27.47 -1.15 -22.50
C GLN A 85 26.00 -0.73 -22.37
N ASP A 86 25.35 -1.25 -21.34
CA ASP A 86 23.99 -0.88 -21.05
C ASP A 86 23.93 0.51 -20.43
N PHE A 87 22.79 1.18 -20.59
CA PHE A 87 22.57 2.50 -20.04
C PHE A 87 21.33 2.49 -19.16
N TRP A 88 21.21 3.51 -18.31
CA TRP A 88 19.99 3.79 -17.58
C TRP A 88 19.49 5.16 -18.02
N GLU A 89 18.52 5.17 -18.94
CA GLU A 89 18.03 6.43 -19.47
C GLU A 89 17.40 7.28 -18.37
N VAL A 90 17.64 8.58 -18.44
CA VAL A 90 17.12 9.51 -17.43
C VAL A 90 15.71 9.98 -17.75
N GLN A 91 15.16 9.65 -18.92
CA GLN A 91 13.80 10.03 -19.28
C GLN A 91 12.85 8.99 -18.68
N LEU A 92 12.24 9.35 -17.55
CA LEU A 92 11.40 8.42 -16.82
C LEU A 92 9.95 8.42 -17.29
N GLY A 93 9.53 9.44 -18.02
CA GLY A 93 8.17 9.48 -18.50
C GLY A 93 7.97 10.58 -19.53
N ILE A 94 6.71 10.87 -19.81
CA ILE A 94 6.33 11.88 -20.78
C ILE A 94 5.56 12.97 -20.05
N PRO A 95 5.93 14.24 -20.22
CA PRO A 95 5.16 15.32 -19.58
C PRO A 95 3.78 15.44 -20.22
N HIS A 96 2.88 16.09 -19.47
CA HIS A 96 1.50 16.22 -19.90
C HIS A 96 1.02 17.64 -19.61
N PRO A 97 0.35 18.28 -20.56
CA PRO A 97 -0.04 19.69 -20.36
C PRO A 97 -0.97 19.91 -19.20
N ALA A 98 -1.70 18.88 -18.74
CA ALA A 98 -2.59 19.05 -17.60
C ALA A 98 -1.83 19.35 -16.32
N GLY A 99 -0.52 19.10 -16.30
CA GLY A 99 0.30 19.40 -15.14
C GLY A 99 0.89 20.77 -15.10
N LEU A 100 0.85 21.49 -16.23
CA LEU A 100 1.39 22.85 -16.28
C LEU A 100 0.47 23.81 -15.53
N LYS A 101 1.09 24.84 -14.95
CA LYS A 101 0.35 25.91 -14.31
C LYS A 101 0.14 27.07 -15.30
N LYS A 102 -0.87 27.89 -15.01
CA LYS A 102 -1.18 29.01 -15.87
C LYS A 102 -0.06 30.05 -15.80
N LYS A 103 0.61 30.28 -16.93
CA LYS A 103 1.70 31.24 -17.03
C LYS A 103 1.28 32.42 -17.89
N LYS A 104 1.73 33.62 -17.52
CA LYS A 104 1.39 34.81 -18.28
C LYS A 104 2.11 34.81 -19.63
N SER A 105 3.43 34.69 -19.61
CA SER A 105 4.24 34.65 -20.82
C SER A 105 4.89 33.28 -20.96
N VAL A 106 4.93 32.78 -22.20
CA VAL A 106 5.38 31.42 -22.49
C VAL A 106 6.20 31.43 -23.77
N THR A 107 7.30 30.69 -23.78
CA THR A 107 8.11 30.50 -24.98
C THR A 107 8.53 29.04 -25.06
N VAL A 108 8.64 28.53 -26.29
CA VAL A 108 9.07 27.17 -26.56
C VAL A 108 10.20 27.20 -27.58
N LEU A 109 11.31 26.54 -27.25
CA LEU A 109 12.51 26.55 -28.09
C LEU A 109 12.92 25.11 -28.40
N ASP A 110 13.64 24.97 -29.51
CA ASP A 110 14.25 23.71 -29.90
C ASP A 110 15.70 23.94 -30.30
N VAL A 111 16.54 22.93 -30.08
CA VAL A 111 17.96 23.01 -30.33
C VAL A 111 18.26 22.21 -31.60
N GLY A 112 18.85 22.88 -32.59
CA GLY A 112 19.19 22.22 -33.84
C GLY A 112 20.51 21.47 -33.75
N ASP A 113 20.57 20.35 -34.47
CA ASP A 113 21.72 19.46 -34.48
C ASP A 113 22.14 19.10 -33.05
N ALA A 114 21.22 18.46 -32.34
CA ALA A 114 21.42 18.19 -30.93
C ALA A 114 22.50 17.13 -30.71
N TYR A 115 22.33 15.96 -31.32
CA TYR A 115 23.28 14.87 -31.11
C TYR A 115 24.65 15.21 -31.68
N PHE A 116 24.71 16.03 -32.72
CA PHE A 116 25.98 16.42 -33.33
C PHE A 116 26.67 17.55 -32.59
N SER A 117 26.05 18.11 -31.55
CA SER A 117 26.63 19.18 -30.75
C SER A 117 27.19 18.69 -29.43
N VAL A 118 27.40 17.38 -29.27
CA VAL A 118 27.92 16.81 -28.04
C VAL A 118 29.12 15.94 -28.39
N PRO A 119 30.30 16.20 -27.79
CA PRO A 119 31.50 15.42 -28.16
C PRO A 119 31.45 14.01 -27.58
N LEU A 120 31.80 13.03 -28.41
CA LEU A 120 31.82 11.63 -28.01
C LEU A 120 33.12 11.31 -27.26
N ASP A 121 33.08 10.22 -26.51
CA ASP A 121 34.25 9.77 -25.76
C ASP A 121 35.39 9.42 -26.70
N GLU A 122 36.56 10.01 -26.44
CA GLU A 122 37.70 9.86 -27.35
C GLU A 122 38.10 8.39 -27.50
N ASP A 123 38.21 7.67 -26.39
CA ASP A 123 38.62 6.27 -26.43
C ASP A 123 37.56 5.36 -27.03
N PHE A 124 36.41 5.90 -27.45
CA PHE A 124 35.35 5.10 -28.03
C PHE A 124 35.07 5.42 -29.49
N ARG A 125 35.55 6.56 -30.01
CA ARG A 125 35.30 6.92 -31.41
C ARG A 125 35.84 5.87 -32.37
N LYS A 126 36.81 5.06 -31.93
CA LYS A 126 37.38 4.02 -32.79
C LYS A 126 36.30 3.10 -33.35
N TYR A 127 35.35 2.69 -32.50
CA TYR A 127 34.35 1.71 -32.89
C TYR A 127 33.25 2.28 -33.77
N THR A 128 33.21 3.59 -33.98
CA THR A 128 32.21 4.24 -34.82
C THR A 128 32.66 4.36 -36.27
N ALA A 129 33.33 3.34 -36.80
CA ALA A 129 33.86 3.39 -38.15
C ALA A 129 32.83 2.89 -39.16
N PHE A 130 32.87 3.47 -40.36
CA PHE A 130 31.95 3.11 -41.43
C PHE A 130 32.54 3.54 -42.76
N THR A 131 32.27 2.76 -43.79
CA THR A 131 32.77 3.03 -45.13
C THR A 131 31.64 3.53 -46.03
N ILE A 132 32.03 4.25 -47.08
CA ILE A 132 31.07 4.82 -48.03
C ILE A 132 31.24 4.15 -49.40
N ILE A 142 37.37 5.77 -48.23
CA ILE A 142 36.05 6.36 -47.99
C ILE A 142 35.52 5.94 -46.62
N ARG A 143 36.41 5.89 -45.63
CA ARG A 143 36.06 5.50 -44.27
C ARG A 143 36.15 6.71 -43.35
N TYR A 144 35.13 6.88 -42.51
CA TYR A 144 35.06 7.98 -41.56
C TYR A 144 35.01 7.44 -40.13
N GLN A 145 35.19 8.35 -39.18
CA GLN A 145 35.13 8.04 -37.76
C GLN A 145 34.37 9.15 -37.06
N TYR A 146 33.40 8.77 -36.22
CA TYR A 146 32.53 9.75 -35.58
C TYR A 146 33.22 10.42 -34.42
N ASN A 147 33.09 11.76 -34.35
CA ASN A 147 33.64 12.55 -33.27
C ASN A 147 32.56 13.12 -32.35
N VAL A 148 31.30 12.91 -32.66
CA VAL A 148 30.18 13.33 -31.83
C VAL A 148 29.21 12.16 -31.68
N LEU A 149 28.09 12.41 -31.02
CA LEU A 149 27.08 11.38 -30.79
C LEU A 149 26.34 11.09 -32.09
N PRO A 150 26.47 9.89 -32.66
CA PRO A 150 25.79 9.59 -33.92
C PRO A 150 24.35 9.19 -33.71
N GLN A 151 23.54 9.44 -34.74
CA GLN A 151 22.16 8.97 -34.75
C GLN A 151 22.14 7.49 -35.11
N GLY A 152 21.44 6.69 -34.30
CA GLY A 152 21.43 5.26 -34.45
C GLY A 152 22.17 4.52 -33.34
N TRP A 153 22.94 5.24 -32.52
CA TRP A 153 23.62 4.63 -31.39
C TRP A 153 22.75 4.75 -30.15
N LYS A 154 22.59 3.64 -29.43
CA LYS A 154 21.61 3.60 -28.35
C LYS A 154 21.98 4.51 -27.19
N GLY A 155 23.27 4.80 -27.01
CA GLY A 155 23.67 5.67 -25.92
C GLY A 155 23.53 7.14 -26.22
N SER A 156 23.35 7.51 -27.49
CA SER A 156 23.29 8.93 -27.85
C SER A 156 22.15 9.68 -27.16
N PRO A 157 20.91 9.19 -27.12
CA PRO A 157 19.86 9.96 -26.45
C PRO A 157 20.09 10.16 -24.96
N ALA A 158 20.44 9.10 -24.24
CA ALA A 158 20.65 9.21 -22.81
C ALA A 158 21.78 10.18 -22.48
N ILE A 159 22.91 10.07 -23.21
CA ILE A 159 24.04 10.94 -22.95
C ILE A 159 23.70 12.39 -23.27
N PHE A 160 22.86 12.62 -24.29
CA PHE A 160 22.50 14.00 -24.63
C PHE A 160 21.61 14.63 -23.57
N GLN A 161 20.63 13.87 -23.06
CA GLN A 161 19.67 14.42 -22.10
C GLN A 161 20.37 14.86 -20.82
N SER A 162 21.19 13.98 -20.24
CA SER A 162 21.89 14.32 -19.01
C SER A 162 22.86 15.47 -19.22
N SER A 163 23.40 15.61 -20.44
CA SER A 163 24.25 16.76 -20.73
C SER A 163 23.42 18.04 -20.79
N MET A 164 22.23 17.98 -21.39
CA MET A 164 21.36 19.15 -21.45
C MET A 164 20.88 19.57 -20.07
N THR A 165 20.68 18.62 -19.16
CA THR A 165 20.19 18.96 -17.82
C THR A 165 21.24 19.72 -17.03
N LYS A 166 22.51 19.29 -17.11
CA LYS A 166 23.57 19.97 -16.38
C LYS A 166 23.76 21.40 -16.86
N ILE A 167 23.52 21.66 -18.15
CA ILE A 167 23.68 23.01 -18.69
C ILE A 167 22.60 23.93 -18.15
N LEU A 168 21.37 23.44 -18.04
CA LEU A 168 20.24 24.26 -17.61
C LEU A 168 20.21 24.47 -16.09
N GLU A 169 20.98 23.70 -15.33
CA GLU A 169 20.95 23.84 -13.87
C GLU A 169 21.39 25.20 -13.38
N PRO A 170 22.51 25.79 -13.85
CA PRO A 170 22.87 27.13 -13.36
C PRO A 170 21.85 28.20 -13.70
N PHE A 171 21.16 28.10 -14.84
CA PHE A 171 20.09 29.03 -15.14
C PHE A 171 18.92 28.84 -14.19
N LYS A 172 18.42 27.61 -14.07
CA LYS A 172 17.28 27.34 -13.20
C LYS A 172 17.60 27.61 -11.73
N LYS A 173 18.88 27.59 -11.35
CA LYS A 173 19.25 27.96 -9.99
C LYS A 173 19.31 29.47 -9.83
N GLN A 174 19.77 30.18 -10.87
CA GLN A 174 19.84 31.63 -10.82
C GLN A 174 18.51 32.30 -11.11
N ASN A 175 17.51 31.56 -11.57
CA ASN A 175 16.18 32.09 -11.85
C ASN A 175 15.15 31.11 -11.33
N PRO A 176 14.90 31.09 -10.01
CA PRO A 176 13.99 30.12 -9.42
C PRO A 176 12.51 30.43 -9.62
N ASP A 177 12.16 31.39 -10.45
CA ASP A 177 10.77 31.76 -10.70
C ASP A 177 10.41 31.62 -12.17
N ILE A 178 11.11 30.74 -12.88
CA ILE A 178 10.83 30.45 -14.28
C ILE A 178 10.89 28.94 -14.47
N VAL A 179 9.91 28.39 -15.18
CA VAL A 179 9.77 26.94 -15.33
C VAL A 179 10.34 26.52 -16.69
N ILE A 180 11.12 25.45 -16.68
CA ILE A 180 11.72 24.91 -17.90
C ILE A 180 11.37 23.43 -17.96
N TYR A 181 10.61 23.04 -18.99
CA TYR A 181 10.23 21.64 -19.21
C TYR A 181 11.13 21.09 -20.31
N GLN A 182 12.20 20.44 -19.90
CA GLN A 182 13.17 19.87 -20.82
C GLN A 182 12.74 18.46 -21.20
N TYR A 183 12.45 18.26 -22.49
CA TYR A 183 12.22 16.93 -23.04
C TYR A 183 13.17 16.76 -24.23
N MET A 184 14.24 15.98 -24.02
CA MET A 184 15.27 15.75 -25.04
C MET A 184 15.85 17.12 -25.42
N ASP A 185 15.78 17.54 -26.68
CA ASP A 185 16.23 18.86 -27.10
C ASP A 185 15.08 19.86 -27.20
N ASP A 186 13.91 19.52 -26.64
CA ASP A 186 12.74 20.40 -26.65
C ASP A 186 12.62 21.09 -25.30
N LEU A 187 12.33 22.39 -25.33
CA LEU A 187 12.25 23.18 -24.10
C LEU A 187 10.94 23.96 -24.08
N TYR A 188 10.24 23.90 -22.95
CA TYR A 188 9.09 24.75 -22.67
C TYR A 188 9.50 25.73 -21.57
N VAL A 189 9.37 27.03 -21.83
CA VAL A 189 9.75 28.07 -20.88
C VAL A 189 8.55 28.97 -20.65
N GLY A 190 8.32 29.34 -19.39
CA GLY A 190 7.22 30.21 -19.04
C GLY A 190 7.43 30.83 -17.68
N SER A 191 6.86 32.02 -17.50
CA SER A 191 6.95 32.71 -16.22
C SER A 191 5.79 33.71 -16.13
N ASP A 192 5.65 34.31 -14.95
CA ASP A 192 4.63 35.32 -14.71
C ASP A 192 5.13 36.74 -14.98
N LEU A 193 6.24 36.87 -15.71
CA LEU A 193 6.74 38.19 -16.07
C LEU A 193 6.04 38.71 -17.33
N GLU A 194 6.16 40.02 -17.54
CA GLU A 194 5.55 40.63 -18.70
C GLU A 194 6.24 40.15 -19.99
N ILE A 195 5.65 40.50 -21.12
CA ILE A 195 6.18 40.07 -22.42
C ILE A 195 7.56 40.61 -22.67
N GLY A 196 7.92 41.73 -22.05
CA GLY A 196 9.25 42.31 -22.22
C GLY A 196 10.33 41.52 -21.54
N GLN A 197 10.25 41.41 -20.20
CA GLN A 197 11.26 40.65 -19.46
C GLN A 197 11.33 39.21 -19.95
N HIS A 198 10.22 38.65 -20.42
CA HIS A 198 10.21 37.28 -20.91
C HIS A 198 11.07 37.13 -22.15
N ARG A 199 10.83 37.96 -23.17
CA ARG A 199 11.64 37.90 -24.38
C ARG A 199 13.10 38.23 -24.09
N THR A 200 13.35 39.05 -23.06
CA THR A 200 14.72 39.33 -22.65
C THR A 200 15.37 38.09 -22.04
N LYS A 201 14.72 37.48 -21.05
CA LYS A 201 15.30 36.32 -20.38
C LYS A 201 15.36 35.11 -21.30
N ILE A 202 14.48 35.04 -22.30
CA ILE A 202 14.58 33.97 -23.29
C ILE A 202 15.85 34.11 -24.10
N GLU A 203 16.18 35.33 -24.53
CA GLU A 203 17.43 35.56 -25.25
C GLU A 203 18.63 35.27 -24.37
N GLU A 204 18.52 35.49 -23.06
CA GLU A 204 19.58 35.11 -22.14
C GLU A 204 19.82 33.61 -22.17
N LEU A 205 18.76 32.82 -22.33
CA LEU A 205 18.92 31.38 -22.48
C LEU A 205 19.55 31.05 -23.83
N ARG A 206 19.02 31.61 -24.92
CA ARG A 206 19.55 31.33 -26.24
C ARG A 206 21.06 31.56 -26.31
N GLN A 207 21.55 32.57 -25.59
CA GLN A 207 22.98 32.79 -25.50
C GLN A 207 23.65 31.83 -24.53
N HIS A 208 22.90 31.34 -23.53
CA HIS A 208 23.47 30.38 -22.59
C HIS A 208 23.67 29.02 -23.26
N LEU A 209 22.68 28.57 -24.04
CA LEU A 209 22.86 27.33 -24.80
C LEU A 209 23.89 27.51 -25.91
N LEU A 210 23.97 28.70 -26.50
CA LEU A 210 25.01 28.95 -27.50
C LEU A 210 26.40 28.95 -26.87
N ARG A 211 26.52 29.46 -25.64
CA ARG A 211 27.81 29.44 -24.94
C ARG A 211 28.28 28.02 -24.69
N TRP A 212 27.35 27.09 -24.47
CA TRP A 212 27.69 25.69 -24.28
C TRP A 212 27.69 24.90 -25.59
N GLY A 213 27.27 25.52 -26.69
CA GLY A 213 27.34 24.86 -27.99
C GLY A 213 26.02 24.30 -28.49
N LEU A 214 24.94 25.03 -28.28
CA LEU A 214 23.61 24.61 -28.74
C LEU A 214 23.00 25.74 -29.55
N THR A 215 22.71 25.48 -30.82
CA THR A 215 22.09 26.47 -31.71
C THR A 215 20.58 26.39 -31.59
N THR A 216 19.93 27.55 -31.51
CA THR A 216 18.48 27.68 -31.42
C THR A 216 17.98 28.42 -32.65
N PRO A 217 17.78 27.71 -33.78
CA PRO A 217 17.35 28.38 -35.01
C PRO A 217 16.00 29.07 -34.86
N ASP A 218 16.01 30.40 -34.88
CA ASP A 218 14.79 31.19 -34.72
C ASP A 218 13.85 31.01 -35.90
N LYS A 220 12.54 26.86 -35.80
CA LYS A 220 12.33 26.02 -34.64
C LYS A 220 12.32 26.85 -33.36
N HIS A 221 11.63 27.98 -33.40
CA HIS A 221 11.46 28.87 -32.26
C HIS A 221 10.08 29.48 -32.31
N GLN A 222 9.40 29.52 -31.18
CA GLN A 222 8.03 30.02 -31.11
C GLN A 222 7.88 30.90 -29.87
N LYS A 223 7.73 32.21 -30.08
CA LYS A 223 7.18 33.11 -29.08
C LYS A 223 5.77 33.52 -29.47
N GLU A 224 5.05 32.61 -30.13
CA GLU A 224 3.83 32.92 -30.87
C GLU A 224 2.74 31.92 -30.50
N PRO A 225 1.79 32.31 -29.65
CA PRO A 225 0.69 31.39 -29.32
C PRO A 225 -0.23 31.22 -30.51
N PRO A 226 -0.89 30.06 -30.65
CA PRO A 226 -0.80 28.90 -29.75
C PRO A 226 0.47 28.07 -29.97
N PHE A 227 1.12 27.69 -28.86
CA PHE A 227 2.37 26.96 -28.94
C PHE A 227 2.10 25.47 -29.18
N LEU A 228 2.84 24.89 -30.11
CA LEU A 228 2.73 23.47 -30.44
C LEU A 228 3.84 22.74 -29.68
N TRP A 229 3.47 22.06 -28.60
CA TRP A 229 4.42 21.42 -27.69
C TRP A 229 3.98 19.99 -27.40
N MET A 230 4.89 19.04 -27.66
CA MET A 230 4.65 17.63 -27.36
C MET A 230 3.38 17.10 -28.02
N GLY A 231 3.01 17.66 -29.16
CA GLY A 231 1.80 17.21 -29.85
C GLY A 231 0.53 17.85 -29.35
N TYR A 232 0.62 18.92 -28.57
CA TYR A 232 -0.55 19.63 -28.06
C TYR A 232 -0.57 21.06 -28.60
N GLU A 233 -1.53 21.84 -28.12
CA GLU A 233 -1.71 23.24 -28.54
C GLU A 233 -1.95 24.05 -27.27
N LEU A 234 -0.90 24.69 -26.75
CA LEU A 234 -1.00 25.43 -25.50
C LEU A 234 -1.59 26.81 -25.76
N HIS A 235 -2.70 27.11 -25.09
CA HIS A 235 -3.35 28.41 -25.12
C HIS A 235 -3.19 29.12 -23.78
N PRO A 236 -3.39 30.43 -23.74
CA PRO A 236 -3.18 31.16 -22.46
C PRO A 236 -4.04 30.65 -21.32
N ASP A 237 -5.25 30.15 -21.60
CA ASP A 237 -6.12 29.65 -20.55
C ASP A 237 -6.67 28.25 -20.81
N LYS A 238 -6.28 27.62 -21.91
CA LYS A 238 -6.77 26.30 -22.27
C LYS A 238 -5.65 25.52 -22.94
N TRP A 239 -5.93 24.25 -23.24
CA TRP A 239 -5.01 23.42 -24.01
C TRP A 239 -5.82 22.32 -24.68
N THR A 240 -5.31 21.86 -25.82
CA THR A 240 -5.94 20.76 -26.54
C THR A 240 -4.87 19.99 -27.29
N VAL A 241 -5.24 18.80 -27.74
CA VAL A 241 -4.34 17.99 -28.55
C VAL A 241 -4.33 18.49 -29.98
N GLN A 242 -3.24 18.22 -30.69
CA GLN A 242 -3.14 18.59 -32.09
C GLN A 242 -4.19 17.83 -32.91
N PRO A 243 -4.59 18.36 -34.06
CA PRO A 243 -5.67 17.74 -34.84
C PRO A 243 -5.42 16.26 -35.11
N ILE A 244 -6.47 15.46 -34.89
CA ILE A 244 -6.42 14.01 -35.07
C ILE A 244 -7.28 13.66 -36.27
N VAL A 245 -6.68 12.97 -37.23
CA VAL A 245 -7.38 12.56 -38.45
C VAL A 245 -7.51 11.04 -38.41
N LEU A 246 -8.74 10.56 -38.19
CA LEU A 246 -8.99 9.13 -38.19
C LEU A 246 -9.04 8.59 -39.61
N PRO A 247 -8.61 7.36 -39.83
CA PRO A 247 -8.77 6.74 -41.15
C PRO A 247 -10.24 6.61 -41.52
N GLU A 248 -10.56 7.00 -42.75
CA GLU A 248 -11.91 6.88 -43.31
C GLU A 248 -11.82 5.91 -44.49
N LYS A 249 -11.72 4.62 -44.19
CA LYS A 249 -11.45 3.61 -45.19
C LYS A 249 -12.75 3.00 -45.72
N ASP A 250 -12.67 2.53 -46.97
CA ASP A 250 -13.79 1.82 -47.59
C ASP A 250 -13.90 0.40 -47.03
N SER A 251 -12.98 -0.47 -47.43
CA SER A 251 -12.86 -1.81 -46.87
C SER A 251 -11.77 -1.78 -45.80
N TRP A 252 -12.12 -2.26 -44.61
CA TRP A 252 -11.21 -2.19 -43.46
C TRP A 252 -10.37 -3.45 -43.38
N THR A 253 -9.06 -3.28 -43.36
CA THR A 253 -8.12 -4.36 -43.07
C THR A 253 -7.57 -4.22 -41.66
N VAL A 254 -7.06 -5.32 -41.13
CA VAL A 254 -6.70 -5.38 -39.72
C VAL A 254 -5.61 -4.36 -39.38
N ASN A 255 -4.69 -4.11 -40.31
CA ASN A 255 -3.67 -3.09 -40.06
C ASN A 255 -4.28 -1.69 -40.05
N ASP A 256 -5.41 -1.49 -40.71
CA ASP A 256 -6.12 -0.21 -40.61
C ASP A 256 -6.88 -0.10 -39.30
N ILE A 257 -7.40 -1.21 -38.79
CA ILE A 257 -8.11 -1.18 -37.51
C ILE A 257 -7.13 -0.90 -36.37
N GLN A 258 -5.93 -1.50 -36.45
CA GLN A 258 -4.93 -1.28 -35.40
C GLN A 258 -4.56 0.19 -35.30
N LYS A 259 -4.38 0.87 -36.43
CA LYS A 259 -4.08 2.29 -36.42
C LYS A 259 -5.27 3.13 -35.96
N LEU A 260 -6.49 2.59 -36.08
CA LEU A 260 -7.67 3.33 -35.63
C LEU A 260 -7.74 3.38 -34.11
N VAL A 261 -7.69 2.22 -33.46
CA VAL A 261 -7.77 2.18 -32.00
C VAL A 261 -6.56 2.85 -31.38
N GLY A 262 -5.44 2.91 -32.09
CA GLY A 262 -4.26 3.58 -31.55
C GLY A 262 -4.45 5.08 -31.44
N LYS A 263 -5.13 5.68 -32.42
CA LYS A 263 -5.40 7.11 -32.36
C LYS A 263 -6.56 7.43 -31.43
N LEU A 264 -7.51 6.50 -31.28
CA LEU A 264 -8.60 6.71 -30.32
C LEU A 264 -8.07 6.68 -28.89
N ASN A 265 -7.10 5.82 -28.61
CA ASN A 265 -6.45 5.84 -27.29
C ASN A 265 -5.75 7.17 -27.05
N TRP A 266 -5.05 7.68 -28.06
CA TRP A 266 -4.39 8.98 -27.93
C TRP A 266 -5.40 10.11 -27.78
N ALA A 267 -6.62 9.92 -28.29
CA ALA A 267 -7.64 10.95 -28.19
C ALA A 267 -8.37 10.90 -26.85
N SER A 268 -8.40 9.74 -26.20
CA SER A 268 -9.15 9.57 -24.97
C SER A 268 -8.55 10.31 -23.78
N GLN A 269 -7.45 11.03 -23.97
CA GLN A 269 -6.87 11.81 -22.89
C GLN A 269 -7.52 13.17 -22.70
N ILE A 270 -8.40 13.58 -23.61
CA ILE A 270 -9.09 14.85 -23.47
C ILE A 270 -10.52 14.73 -23.99
N TYR A 271 -10.74 13.82 -24.93
CA TYR A 271 -12.09 13.55 -25.43
C TYR A 271 -12.74 12.48 -24.56
N PRO A 272 -13.75 12.83 -23.77
CA PRO A 272 -14.35 11.84 -22.86
C PRO A 272 -15.27 10.87 -23.58
N GLY A 273 -15.41 9.69 -22.99
CA GLY A 273 -16.35 8.71 -23.47
C GLY A 273 -15.90 7.91 -24.68
N ILE A 274 -14.59 7.86 -24.95
CA ILE A 274 -14.09 7.07 -26.06
C ILE A 274 -14.25 5.59 -25.73
N LYS A 275 -14.84 4.84 -26.67
CA LYS A 275 -14.97 3.40 -26.55
C LYS A 275 -14.15 2.72 -27.64
N VAL A 276 -13.62 1.54 -27.33
CA VAL A 276 -12.62 0.92 -28.18
C VAL A 276 -12.80 -0.61 -28.20
N ARG A 277 -13.56 -1.12 -27.23
CA ARG A 277 -13.63 -2.58 -27.04
C ARG A 277 -14.11 -3.29 -28.30
N GLN A 278 -15.23 -2.82 -28.88
CA GLN A 278 -15.81 -3.53 -30.02
C GLN A 278 -14.90 -3.47 -31.23
N LEU A 279 -14.26 -2.32 -31.46
CA LEU A 279 -13.30 -2.23 -32.57
C LEU A 279 -12.10 -3.14 -32.33
N SER A 280 -11.68 -3.31 -31.08
CA SER A 280 -10.53 -4.17 -30.79
C SER A 280 -10.87 -5.65 -30.88
N LYS A 281 -12.14 -6.01 -30.69
CA LYS A 281 -12.53 -7.41 -30.85
C LYS A 281 -12.39 -7.90 -32.29
N LEU A 282 -12.15 -7.01 -33.25
CA LEU A 282 -11.86 -7.42 -34.62
C LEU A 282 -10.40 -7.79 -34.82
N LEU A 283 -9.54 -7.52 -33.83
CA LEU A 283 -8.13 -7.82 -33.92
C LEU A 283 -7.78 -9.24 -33.46
N ARG A 284 -8.75 -9.99 -32.94
CA ARG A 284 -8.49 -11.34 -32.45
C ARG A 284 -7.99 -12.25 -33.58
N LYS A 287 -4.05 -14.52 -37.50
CA LYS A 287 -4.50 -13.21 -37.96
C LYS A 287 -3.50 -12.58 -38.92
N ALA A 288 -3.78 -12.68 -40.21
CA ALA A 288 -2.92 -12.09 -41.22
C ALA A 288 -3.07 -10.58 -41.24
N LEU A 289 -1.94 -9.87 -41.37
CA LEU A 289 -1.93 -8.42 -41.24
C LEU A 289 -2.61 -7.70 -42.40
N THR A 290 -2.93 -8.39 -43.49
CA THR A 290 -3.55 -7.75 -44.66
C THR A 290 -4.89 -8.37 -45.01
N GLU A 291 -5.57 -8.99 -44.05
CA GLU A 291 -6.87 -9.59 -44.29
C GLU A 291 -7.96 -8.54 -44.10
N VAL A 292 -8.79 -8.35 -45.13
CA VAL A 292 -9.91 -7.41 -45.03
C VAL A 292 -10.97 -8.02 -44.13
N ILE A 293 -11.26 -7.34 -43.03
CA ILE A 293 -12.20 -7.80 -42.01
C ILE A 293 -13.50 -7.02 -42.16
N PRO A 294 -14.66 -7.68 -42.26
CA PRO A 294 -15.93 -6.95 -42.26
C PRO A 294 -16.28 -6.48 -40.86
N LEU A 295 -16.57 -5.19 -40.73
CA LEU A 295 -16.93 -4.64 -39.43
C LEU A 295 -18.27 -5.20 -38.97
N THR A 296 -18.37 -5.48 -37.67
CA THR A 296 -19.66 -5.86 -37.11
C THR A 296 -20.55 -4.65 -36.96
N GLU A 297 -21.82 -4.89 -36.61
CA GLU A 297 -22.73 -3.78 -36.34
C GLU A 297 -22.25 -2.97 -35.14
N GLU A 298 -21.84 -3.66 -34.07
CA GLU A 298 -21.40 -2.96 -32.86
C GLU A 298 -20.14 -2.16 -33.12
N ALA A 299 -19.17 -2.72 -33.85
CA ALA A 299 -17.96 -1.98 -34.15
C ALA A 299 -18.25 -0.79 -35.05
N GLU A 300 -19.23 -0.92 -35.95
CA GLU A 300 -19.60 0.20 -36.80
C GLU A 300 -20.35 1.27 -36.03
N LEU A 301 -21.03 0.88 -34.94
CA LEU A 301 -21.68 1.85 -34.06
C LEU A 301 -20.66 2.55 -33.17
N GLU A 302 -19.75 1.77 -32.57
CA GLU A 302 -18.72 2.36 -31.71
C GLU A 302 -17.89 3.39 -32.47
N LEU A 303 -17.45 3.04 -33.68
CA LEU A 303 -16.68 3.99 -34.47
C LEU A 303 -17.50 5.25 -34.74
N ALA A 304 -18.80 5.10 -35.01
CA ALA A 304 -19.64 6.26 -35.27
C ALA A 304 -19.78 7.13 -34.03
N GLU A 305 -19.95 6.51 -32.85
CA GLU A 305 -20.04 7.27 -31.62
C GLU A 305 -18.75 8.02 -31.33
N ASN A 306 -17.61 7.40 -31.64
CA ASN A 306 -16.34 8.09 -31.46
C ASN A 306 -16.21 9.27 -32.41
N ARG A 307 -16.65 9.11 -33.66
CA ARG A 307 -16.60 10.20 -34.62
C ARG A 307 -17.47 11.37 -34.17
N GLU A 308 -18.62 11.06 -33.54
CA GLU A 308 -19.47 12.13 -33.03
C GLU A 308 -18.78 12.91 -31.92
N ILE A 309 -18.07 12.21 -31.03
CA ILE A 309 -17.37 12.88 -29.93
C ILE A 309 -16.25 13.76 -30.48
N LEU A 310 -15.57 13.31 -31.52
CA LEU A 310 -14.47 14.06 -32.11
C LEU A 310 -14.94 15.19 -33.02
N LYS A 311 -16.21 15.21 -33.43
CA LYS A 311 -16.70 16.28 -34.28
C LYS A 311 -16.63 17.62 -33.58
N GLU A 312 -17.03 17.66 -32.31
CA GLU A 312 -16.96 18.90 -31.55
C GLU A 312 -15.56 19.09 -30.97
N PRO A 313 -15.06 20.31 -30.90
CA PRO A 313 -13.73 20.54 -30.31
C PRO A 313 -13.81 20.58 -28.79
N VAL A 314 -12.91 19.86 -28.14
CA VAL A 314 -12.85 19.80 -26.67
C VAL A 314 -11.47 20.25 -26.24
N HIS A 315 -11.43 21.08 -25.20
CA HIS A 315 -10.18 21.61 -24.65
C HIS A 315 -10.05 21.18 -23.19
N GLY A 316 -8.86 21.45 -22.63
CA GLY A 316 -8.62 21.20 -21.23
C GLY A 316 -7.99 22.42 -20.58
N VAL A 317 -8.11 22.48 -19.25
CA VAL A 317 -7.57 23.60 -18.49
C VAL A 317 -6.24 23.22 -17.87
N TYR A 318 -5.65 24.12 -17.08
CA TYR A 318 -4.36 23.91 -16.45
C TYR A 318 -4.53 23.70 -14.95
N TYR A 319 -3.45 23.25 -14.32
CA TYR A 319 -3.48 22.86 -12.91
C TYR A 319 -3.40 24.08 -12.00
N ASP A 320 -4.11 24.00 -10.88
CA ASP A 320 -4.12 25.06 -9.86
C ASP A 320 -3.83 24.41 -8.51
N PRO A 321 -2.63 24.59 -7.95
CA PRO A 321 -2.28 23.87 -6.71
C PRO A 321 -3.12 24.26 -5.51
N SER A 322 -3.90 25.34 -5.57
CA SER A 322 -4.70 25.73 -4.41
C SER A 322 -5.97 24.90 -4.30
N LYS A 323 -6.50 24.40 -5.40
CA LYS A 323 -7.73 23.62 -5.41
C LYS A 323 -7.44 22.13 -5.38
N ASP A 324 -8.44 21.37 -4.96
CA ASP A 324 -8.30 19.92 -4.83
C ASP A 324 -8.53 19.23 -6.17
N LEU A 325 -7.85 18.10 -6.35
CA LEU A 325 -8.08 17.26 -7.53
C LEU A 325 -9.31 16.38 -7.31
N ILE A 326 -10.13 16.28 -8.34
CA ILE A 326 -11.33 15.44 -8.31
C ILE A 326 -11.31 14.54 -9.53
N ALA A 327 -11.57 13.25 -9.31
CA ALA A 327 -11.65 12.27 -10.38
C ALA A 327 -13.00 11.58 -10.30
N GLU A 328 -13.70 11.51 -11.44
CA GLU A 328 -15.03 10.93 -11.51
C GLU A 328 -15.02 9.81 -12.53
N ILE A 329 -15.46 8.63 -12.11
CA ILE A 329 -15.47 7.44 -12.96
C ILE A 329 -16.91 7.10 -13.31
N GLN A 330 -17.15 6.80 -14.58
CA GLN A 330 -18.46 6.36 -15.05
C GLN A 330 -18.32 5.00 -15.70
N LYS A 331 -19.35 4.18 -15.55
CA LYS A 331 -19.39 2.85 -16.15
C LYS A 331 -19.92 2.96 -17.58
N GLN A 332 -19.26 2.27 -18.51
CA GLN A 332 -19.66 2.28 -19.91
C GLN A 332 -20.19 0.94 -20.39
N GLY A 333 -20.06 -0.11 -19.61
CA GLY A 333 -20.58 -1.41 -20.01
C GLY A 333 -19.54 -2.26 -20.72
N GLN A 334 -19.74 -3.58 -20.63
CA GLN A 334 -18.83 -4.55 -21.24
C GLN A 334 -17.40 -4.37 -20.75
N GLY A 335 -17.25 -4.09 -19.45
CA GLY A 335 -15.93 -3.90 -18.88
C GLY A 335 -15.21 -2.67 -19.38
N GLN A 336 -15.93 -1.57 -19.60
CA GLN A 336 -15.34 -0.32 -20.06
C GLN A 336 -15.68 0.80 -19.10
N TRP A 337 -14.69 1.65 -18.82
CA TRP A 337 -14.85 2.76 -17.90
C TRP A 337 -14.16 3.99 -18.47
N THR A 338 -14.72 5.16 -18.18
CA THR A 338 -14.09 6.43 -18.52
C THR A 338 -14.08 7.32 -17.28
N TYR A 339 -13.15 8.28 -17.26
CA TYR A 339 -13.03 9.15 -16.12
C TYR A 339 -12.61 10.54 -16.56
N GLN A 340 -12.91 11.53 -15.71
CA GLN A 340 -12.51 12.90 -15.91
C GLN A 340 -11.85 13.40 -14.63
N ILE A 341 -10.67 14.02 -14.77
CA ILE A 341 -9.96 14.61 -13.64
C ILE A 341 -10.08 16.11 -13.75
N TYR A 342 -10.72 16.73 -12.75
CA TYR A 342 -11.05 18.15 -12.80
C TYR A 342 -10.90 18.77 -11.42
N GLN A 343 -10.67 20.07 -11.40
CA GLN A 343 -10.69 20.88 -10.18
C GLN A 343 -11.91 21.76 -10.06
N GLU A 344 -12.34 22.37 -11.16
CA GLU A 344 -13.59 23.11 -11.24
C GLU A 344 -14.57 22.36 -12.14
N PRO A 345 -15.86 22.37 -11.81
CA PRO A 345 -16.81 21.57 -12.58
C PRO A 345 -16.90 22.03 -14.02
N PHE A 346 -17.05 21.07 -14.93
CA PHE A 346 -17.20 21.28 -16.37
C PHE A 346 -15.94 21.86 -17.00
N LYS A 347 -14.81 21.81 -16.32
CA LYS A 347 -13.51 22.22 -16.86
C LYS A 347 -12.52 21.09 -16.55
N ASN A 348 -12.37 20.17 -17.48
CA ASN A 348 -11.54 18.99 -17.27
C ASN A 348 -10.06 19.34 -17.41
N LEU A 349 -9.25 18.85 -16.47
CA LEU A 349 -7.80 18.88 -16.66
C LEU A 349 -7.39 17.86 -17.71
N LYS A 350 -7.89 16.64 -17.59
CA LYS A 350 -7.69 15.60 -18.61
C LYS A 350 -8.75 14.52 -18.38
N THR A 351 -8.89 13.66 -19.37
CA THR A 351 -9.78 12.51 -19.30
C THR A 351 -8.98 11.23 -19.56
N GLY A 352 -9.66 10.11 -19.49
CA GLY A 352 -9.02 8.84 -19.74
C GLY A 352 -10.03 7.72 -19.70
N LYS A 353 -9.53 6.50 -19.90
CA LYS A 353 -10.41 5.35 -19.93
C LYS A 353 -9.66 4.12 -19.44
N TYR A 354 -10.42 3.19 -18.85
CA TYR A 354 -9.90 1.89 -18.43
C TYR A 354 -10.81 0.82 -19.02
N ALA A 355 -10.21 -0.19 -19.65
CA ALA A 355 -11.00 -1.25 -20.28
C ALA A 355 -10.18 -2.55 -20.31
N ARG A 356 -9.51 -2.86 -19.22
CA ARG A 356 -8.66 -4.03 -19.13
C ARG A 356 -9.40 -5.16 -18.43
N MET A 357 -9.20 -6.39 -18.91
CA MET A 357 -9.82 -7.57 -18.36
C MET A 357 -8.72 -8.41 -17.69
N ARG A 358 -8.46 -8.13 -16.42
CA ARG A 358 -7.51 -8.91 -15.64
C ARG A 358 -8.22 -10.13 -15.07
N GLY A 359 -7.76 -11.31 -15.45
CA GLY A 359 -8.33 -12.54 -14.93
C GLY A 359 -9.47 -13.08 -15.79
N ALA A 360 -9.73 -14.38 -15.62
CA ALA A 360 -10.79 -15.03 -16.37
C ALA A 360 -12.18 -14.67 -15.86
N HIS A 361 -12.32 -14.45 -14.56
CA HIS A 361 -13.59 -14.09 -13.94
C HIS A 361 -13.40 -12.84 -13.10
N THR A 362 -14.39 -11.93 -13.16
CA THR A 362 -14.31 -10.69 -12.40
C THR A 362 -15.72 -10.11 -12.26
N ASN A 363 -15.81 -8.99 -11.57
CA ASN A 363 -17.07 -8.26 -11.44
C ASN A 363 -16.80 -6.77 -11.60
N ASP A 364 -17.89 -5.99 -11.61
CA ASP A 364 -17.74 -4.54 -11.78
C ASP A 364 -17.03 -3.91 -10.60
N VAL A 365 -17.18 -4.47 -9.40
CA VAL A 365 -16.55 -3.89 -8.21
C VAL A 365 -15.04 -4.06 -8.27
N LYS A 366 -14.56 -5.23 -8.70
CA LYS A 366 -13.13 -5.43 -8.85
C LYS A 366 -12.55 -4.47 -9.88
N GLN A 367 -13.23 -4.32 -11.02
CA GLN A 367 -12.70 -3.46 -12.09
C GLN A 367 -12.67 -2.00 -11.67
N LEU A 368 -13.68 -1.55 -10.93
CA LEU A 368 -13.66 -0.18 -10.42
C LEU A 368 -12.45 0.05 -9.52
N THR A 369 -12.16 -0.92 -8.63
CA THR A 369 -10.95 -0.83 -7.82
C THR A 369 -9.70 -0.70 -8.69
N GLU A 370 -9.64 -1.49 -9.77
CA GLU A 370 -8.50 -1.43 -10.67
C GLU A 370 -8.42 -0.08 -11.38
N ALA A 371 -9.57 0.51 -11.70
CA ALA A 371 -9.57 1.82 -12.35
C ALA A 371 -9.15 2.92 -11.39
N VAL A 372 -9.57 2.82 -10.12
CA VAL A 372 -9.15 3.78 -9.11
C VAL A 372 -7.64 3.75 -8.93
N GLN A 373 -7.02 2.57 -9.09
CA GLN A 373 -5.58 2.47 -8.96
C GLN A 373 -4.87 3.09 -10.17
N LYS A 374 -5.35 2.78 -11.38
CA LYS A 374 -4.75 3.37 -12.58
C LYS A 374 -4.81 4.90 -12.52
N ILE A 375 -5.94 5.45 -12.10
CA ILE A 375 -6.08 6.90 -12.00
C ILE A 375 -5.18 7.46 -10.90
N THR A 376 -5.03 6.73 -9.80
CA THR A 376 -4.15 7.16 -8.73
C THR A 376 -2.72 7.28 -9.22
N THR A 377 -2.20 6.20 -9.82
CA THR A 377 -0.83 6.23 -10.34
C THR A 377 -0.64 7.35 -11.35
N GLU A 378 -1.56 7.47 -12.31
CA GLU A 378 -1.47 8.52 -13.32
C GLU A 378 -1.50 9.90 -12.69
N SER A 379 -2.27 10.07 -11.60
CA SER A 379 -2.34 11.36 -10.94
C SER A 379 -1.06 11.68 -10.16
N ILE A 380 -0.43 10.66 -9.59
CA ILE A 380 0.86 10.86 -8.93
C ILE A 380 1.91 11.31 -9.94
N VAL A 381 1.87 10.75 -11.14
CA VAL A 381 2.87 11.07 -12.16
C VAL A 381 2.73 12.53 -12.60
N ILE A 382 1.51 12.98 -12.83
CA ILE A 382 1.30 14.31 -13.41
C ILE A 382 1.34 15.38 -12.34
N TRP A 383 0.60 15.19 -11.24
CA TRP A 383 0.43 16.22 -10.23
C TRP A 383 1.13 15.92 -8.91
N GLY A 384 1.44 14.66 -8.63
CA GLY A 384 2.11 14.34 -7.39
C GLY A 384 1.20 14.16 -6.19
N LYS A 385 -0.09 13.92 -6.42
CA LYS A 385 -1.00 13.67 -5.32
C LYS A 385 -2.18 12.86 -5.82
N THR A 386 -2.93 12.28 -4.87
CA THR A 386 -4.09 11.45 -5.16
C THR A 386 -5.35 12.31 -5.22
N PRO A 387 -6.18 12.14 -6.24
CA PRO A 387 -7.42 12.92 -6.30
C PRO A 387 -8.48 12.39 -5.35
N LYS A 388 -9.43 13.26 -5.02
CA LYS A 388 -10.64 12.83 -4.33
C LYS A 388 -11.59 12.23 -5.36
N PHE A 389 -12.03 11.00 -5.11
CA PHE A 389 -12.79 10.25 -6.09
C PHE A 389 -14.29 10.46 -5.91
N LYS A 390 -15.01 10.50 -7.03
CA LYS A 390 -16.47 10.46 -7.06
C LYS A 390 -16.87 9.25 -7.89
N LEU A 391 -17.41 8.23 -7.22
CA LEU A 391 -17.65 6.95 -7.85
C LEU A 391 -19.14 6.61 -7.87
N PRO A 392 -19.61 5.87 -8.88
CA PRO A 392 -21.01 5.46 -8.98
C PRO A 392 -21.30 4.17 -8.22
N ILE A 393 -20.86 4.11 -6.97
CA ILE A 393 -21.09 2.96 -6.10
C ILE A 393 -21.51 3.48 -4.73
N GLN A 394 -22.52 2.85 -4.14
CA GLN A 394 -23.02 3.31 -2.86
C GLN A 394 -22.09 2.85 -1.74
N LYS A 395 -22.00 3.68 -0.70
CA LYS A 395 -21.11 3.39 0.43
C LYS A 395 -21.43 2.03 1.04
N GLU A 396 -22.71 1.68 1.14
CA GLU A 396 -23.08 0.38 1.70
C GLU A 396 -22.70 -0.77 0.78
N THR A 397 -22.73 -0.55 -0.53
CA THR A 397 -22.29 -1.57 -1.47
C THR A 397 -20.79 -1.82 -1.35
N TRP A 398 -20.00 -0.75 -1.21
CA TRP A 398 -18.57 -0.92 -1.01
C TRP A 398 -18.28 -1.56 0.34
N GLU A 399 -19.00 -1.15 1.40
CA GLU A 399 -18.80 -1.73 2.72
C GLU A 399 -19.00 -3.23 2.71
N THR A 400 -20.04 -3.71 2.02
CA THR A 400 -20.28 -5.15 1.99
C THR A 400 -19.16 -5.88 1.25
N TRP A 401 -18.62 -5.27 0.20
CA TRP A 401 -17.60 -5.96 -0.60
C TRP A 401 -16.30 -6.13 0.17
N TRP A 402 -15.72 -5.02 0.63
CA TRP A 402 -14.37 -5.08 1.19
C TRP A 402 -14.34 -5.72 2.58
N THR A 403 -15.45 -5.68 3.32
CA THR A 403 -15.48 -6.32 4.63
C THR A 403 -15.71 -7.83 4.55
N GLU A 404 -16.14 -8.34 3.39
CA GLU A 404 -16.40 -9.76 3.22
C GLU A 404 -15.39 -10.46 2.32
N TYR A 405 -14.70 -9.73 1.44
CA TYR A 405 -13.75 -10.35 0.52
C TYR A 405 -12.55 -10.90 1.28
N TRP A 406 -12.04 -12.04 0.82
CA TRP A 406 -10.92 -12.67 1.50
C TRP A 406 -9.60 -11.94 1.25
N GLN A 407 -9.53 -11.16 0.18
CA GLN A 407 -8.33 -10.40 -0.14
C GLN A 407 -8.46 -8.98 0.38
N ALA A 408 -7.33 -8.40 0.78
CA ALA A 408 -7.31 -7.01 1.20
C ALA A 408 -7.61 -6.11 0.02
N THR A 409 -8.44 -5.09 0.24
CA THR A 409 -8.78 -4.14 -0.80
C THR A 409 -9.16 -2.81 -0.14
N TRP A 410 -8.84 -1.72 -0.83
CA TRP A 410 -9.04 -0.40 -0.26
C TRP A 410 -9.17 0.63 -1.37
N ILE A 411 -9.88 1.71 -1.07
CA ILE A 411 -10.06 2.83 -1.98
C ILE A 411 -9.83 4.11 -1.19
N PRO A 412 -9.05 5.08 -1.71
CA PRO A 412 -8.82 6.32 -0.96
C PRO A 412 -10.09 7.15 -0.81
N GLU A 413 -9.96 8.34 -0.22
CA GLU A 413 -11.11 9.20 0.07
C GLU A 413 -12.00 9.35 -1.15
N TRP A 414 -13.27 8.98 -1.00
CA TRP A 414 -14.20 8.98 -2.11
C TRP A 414 -15.61 9.22 -1.60
N GLU A 415 -16.45 9.78 -2.46
CA GLU A 415 -17.85 10.04 -2.17
C GLU A 415 -18.72 9.47 -3.28
N PHE A 416 -19.93 9.06 -2.90
CA PHE A 416 -20.85 8.47 -3.87
C PHE A 416 -21.56 9.54 -4.68
N VAL A 417 -21.67 9.30 -5.98
CA VAL A 417 -22.40 10.18 -6.89
C VAL A 417 -23.42 9.33 -7.66
N ASN A 418 -24.67 9.80 -7.70
CA ASN A 418 -25.77 9.01 -8.27
C ASN A 418 -25.93 9.34 -9.75
N THR A 419 -24.98 8.85 -10.54
CA THR A 419 -25.05 8.91 -12.00
C THR A 419 -25.14 7.48 -12.52
N PRO A 420 -26.35 6.92 -12.68
CA PRO A 420 -26.48 5.55 -13.17
C PRO A 420 -25.86 5.38 -14.53
N PRO A 421 -25.51 4.14 -14.92
CA PRO A 421 -25.71 2.88 -14.17
C PRO A 421 -24.75 2.72 -12.99
N LEU A 422 -25.32 2.57 -11.79
CA LEU A 422 -24.52 2.38 -10.60
C LEU A 422 -23.84 1.01 -10.61
N VAL A 423 -22.80 0.90 -9.79
CA VAL A 423 -22.09 -0.35 -9.60
C VAL A 423 -22.70 -1.09 -8.42
N LYS A 424 -22.96 -2.38 -8.58
CA LYS A 424 -23.65 -3.17 -7.57
C LYS A 424 -23.12 -4.59 -7.59
N LEU A 425 -23.58 -5.37 -6.62
CA LEU A 425 -23.31 -6.81 -6.58
C LEU A 425 -24.61 -7.52 -6.93
N TRP A 426 -24.57 -8.36 -7.98
CA TRP A 426 -25.79 -8.85 -8.60
C TRP A 426 -26.44 -10.00 -7.84
N TYR A 427 -25.70 -10.66 -6.95
CA TYR A 427 -26.27 -11.73 -6.16
C TYR A 427 -25.43 -11.89 -4.90
N GLN A 428 -25.89 -12.76 -4.00
CA GLN A 428 -25.23 -12.95 -2.73
C GLN A 428 -25.42 -14.39 -2.27
N LEU A 429 -24.31 -15.06 -1.96
CA LEU A 429 -24.38 -16.39 -1.40
C LEU A 429 -24.74 -16.32 0.08
N GLU A 430 -25.61 -17.24 0.51
CA GLU A 430 -26.06 -17.23 1.89
C GLU A 430 -24.97 -17.72 2.82
N LYS A 431 -24.97 -17.19 4.05
CA LYS A 431 -23.97 -17.60 5.03
C LYS A 431 -24.36 -18.91 5.72
N GLU A 432 -25.65 -19.09 5.98
CA GLU A 432 -26.17 -20.30 6.61
C GLU A 432 -27.12 -21.02 5.65
N PRO A 433 -27.25 -22.34 5.77
CA PRO A 433 -28.16 -23.07 4.88
C PRO A 433 -29.60 -22.64 5.07
N ILE A 434 -30.38 -22.78 4.00
CA ILE A 434 -31.76 -22.28 3.97
C ILE A 434 -32.69 -23.38 4.44
N VAL A 435 -33.53 -23.06 5.42
CA VAL A 435 -34.51 -24.00 5.95
C VAL A 435 -35.69 -24.08 4.99
N GLY A 436 -36.13 -25.29 4.69
CA GLY A 436 -37.27 -25.48 3.81
C GLY A 436 -36.95 -25.45 2.34
N ALA A 437 -35.67 -25.46 1.96
CA ALA A 437 -35.25 -25.44 0.58
C ALA A 437 -34.67 -26.80 0.20
N GLU A 438 -35.04 -27.28 -0.98
CA GLU A 438 -34.52 -28.56 -1.46
C GLU A 438 -33.01 -28.49 -1.61
N THR A 439 -32.30 -29.34 -0.88
CA THR A 439 -30.84 -29.37 -0.92
C THR A 439 -30.37 -30.35 -2.00
N PHE A 440 -29.30 -29.98 -2.69
CA PHE A 440 -28.75 -30.75 -3.80
C PHE A 440 -27.34 -31.19 -3.46
N TYR A 441 -26.94 -32.32 -4.06
CA TYR A 441 -25.59 -32.87 -3.88
C TYR A 441 -25.02 -33.14 -5.27
N VAL A 442 -24.23 -32.20 -5.79
CA VAL A 442 -23.70 -32.29 -7.13
C VAL A 442 -22.26 -32.80 -7.09
N ASP A 443 -21.82 -33.37 -8.22
CA ASP A 443 -20.44 -33.80 -8.39
C ASP A 443 -20.21 -34.04 -9.87
N GLY A 444 -18.95 -33.92 -10.27
CA GLY A 444 -18.57 -34.13 -11.66
C GLY A 444 -17.28 -34.92 -11.76
N ALA A 445 -17.14 -35.63 -12.87
CA ALA A 445 -15.97 -36.46 -13.11
C ALA A 445 -15.80 -36.68 -14.60
N ALA A 446 -14.53 -36.72 -15.04
CA ALA A 446 -14.20 -36.94 -16.44
C ALA A 446 -12.94 -37.78 -16.52
N ASN A 447 -12.73 -38.40 -17.67
CA ASN A 447 -11.58 -39.28 -17.90
C ASN A 447 -10.52 -38.54 -18.70
N ARG A 448 -9.27 -38.62 -18.22
CA ARG A 448 -8.19 -37.85 -18.82
C ARG A 448 -7.93 -38.28 -20.27
N GLU A 449 -7.72 -39.58 -20.48
CA GLU A 449 -7.44 -40.07 -21.83
C GLU A 449 -8.69 -40.07 -22.70
N THR A 450 -9.84 -40.43 -22.11
CA THR A 450 -11.08 -40.50 -22.88
C THR A 450 -11.57 -39.10 -23.26
N LYS A 451 -11.28 -38.09 -22.43
CA LYS A 451 -11.76 -36.72 -22.63
C LYS A 451 -13.28 -36.65 -22.63
N LEU A 452 -13.93 -37.59 -21.93
CA LEU A 452 -15.38 -37.63 -21.80
C LEU A 452 -15.74 -37.87 -20.34
N GLY A 453 -16.84 -37.25 -19.89
CA GLY A 453 -17.25 -37.37 -18.52
C GLY A 453 -18.72 -37.11 -18.34
N LYS A 454 -19.13 -36.98 -17.08
CA LYS A 454 -20.52 -36.76 -16.72
C LYS A 454 -20.59 -35.89 -15.48
N ALA A 455 -21.81 -35.49 -15.14
CA ALA A 455 -22.06 -34.62 -13.99
C ALA A 455 -23.53 -34.68 -13.63
N GLY A 456 -23.83 -35.00 -12.37
CA GLY A 456 -25.21 -35.14 -11.94
C GLY A 456 -25.39 -34.72 -10.50
N TYR A 457 -26.62 -34.89 -10.01
CA TYR A 457 -26.97 -34.49 -8.66
C TYR A 457 -27.93 -35.50 -8.06
N VAL A 458 -28.00 -35.51 -6.72
CA VAL A 458 -28.91 -36.34 -5.96
C VAL A 458 -29.42 -35.52 -4.79
N THR A 459 -30.72 -35.27 -4.74
CA THR A 459 -31.30 -34.42 -3.71
C THR A 459 -31.72 -35.23 -2.50
N ASN A 460 -32.11 -34.51 -1.43
CA ASN A 460 -32.62 -35.16 -0.23
C ASN A 460 -34.07 -35.58 -0.38
N LYS A 461 -34.80 -35.01 -1.34
CA LYS A 461 -36.18 -35.40 -1.62
C LYS A 461 -36.28 -36.57 -2.59
N GLY A 462 -35.15 -37.18 -2.95
CA GLY A 462 -35.12 -38.34 -3.82
C GLY A 462 -34.84 -38.05 -5.28
N ARG A 463 -34.87 -36.79 -5.70
CA ARG A 463 -34.65 -36.46 -7.10
C ARG A 463 -33.23 -36.81 -7.53
N GLN A 464 -33.09 -37.21 -8.80
CA GLN A 464 -31.81 -37.66 -9.32
C GLN A 464 -31.77 -37.40 -10.82
N LYS A 465 -30.58 -37.06 -11.32
CA LYS A 465 -30.40 -36.76 -12.74
C LYS A 465 -28.90 -36.72 -13.03
N VAL A 466 -28.51 -37.28 -14.19
CA VAL A 466 -27.13 -37.23 -14.67
C VAL A 466 -27.16 -36.92 -16.15
N VAL A 467 -26.30 -36.00 -16.58
CA VAL A 467 -26.21 -35.57 -17.97
C VAL A 467 -24.81 -35.90 -18.47
N PRO A 468 -24.67 -36.61 -19.59
CA PRO A 468 -23.33 -36.89 -20.12
C PRO A 468 -22.73 -35.68 -20.82
N LEU A 469 -21.42 -35.53 -20.68
CA LEU A 469 -20.67 -34.43 -21.26
C LEU A 469 -19.59 -34.95 -22.19
N THR A 470 -19.30 -34.18 -23.24
CA THR A 470 -18.34 -34.56 -24.26
C THR A 470 -17.26 -33.48 -24.38
N ASN A 471 -16.02 -33.92 -24.54
CA ASN A 471 -14.88 -33.02 -24.76
C ASN A 471 -14.72 -32.02 -23.63
N THR A 472 -14.95 -32.46 -22.40
CA THR A 472 -14.80 -31.64 -21.21
C THR A 472 -13.59 -32.12 -20.41
N THR A 473 -13.31 -31.42 -19.32
CA THR A 473 -12.23 -31.76 -18.42
C THR A 473 -12.80 -32.06 -17.03
N ASN A 474 -11.92 -32.25 -16.06
CA ASN A 474 -12.38 -32.50 -14.69
C ASN A 474 -13.06 -31.26 -14.11
N GLN A 475 -12.47 -30.08 -14.33
CA GLN A 475 -13.04 -28.86 -13.76
C GLN A 475 -14.33 -28.47 -14.47
N LYS A 476 -14.42 -28.69 -15.79
CA LYS A 476 -15.63 -28.35 -16.52
C LYS A 476 -16.81 -29.21 -16.08
N THR A 477 -16.56 -30.44 -15.67
CA THR A 477 -17.65 -31.30 -15.19
C THR A 477 -18.17 -30.84 -13.84
N GLU A 478 -17.26 -30.45 -12.94
CA GLU A 478 -17.66 -29.99 -11.62
C GLU A 478 -18.48 -28.70 -11.71
N LEU A 479 -18.18 -27.84 -12.68
CA LEU A 479 -18.99 -26.65 -12.89
C LEU A 479 -20.33 -27.00 -13.53
N GLN A 480 -20.36 -27.99 -14.41
CA GLN A 480 -21.60 -28.38 -15.06
C GLN A 480 -22.60 -28.95 -14.07
N ALA A 481 -22.11 -29.72 -13.08
CA ALA A 481 -23.00 -30.29 -12.07
C ALA A 481 -23.69 -29.20 -11.26
N ILE A 482 -22.99 -28.09 -11.00
CA ILE A 482 -23.61 -26.98 -10.31
C ILE A 482 -24.67 -26.33 -11.19
N TYR A 483 -24.43 -26.27 -12.50
CA TYR A 483 -25.39 -25.69 -13.44
C TYR A 483 -26.69 -26.48 -13.44
N LEU A 484 -26.61 -27.81 -13.39
CA LEU A 484 -27.81 -28.63 -13.40
C LEU A 484 -28.68 -28.38 -12.18
N ALA A 485 -28.05 -28.32 -11.00
CA ALA A 485 -28.81 -28.11 -9.78
C ALA A 485 -29.54 -26.78 -9.80
N LEU A 486 -28.93 -25.74 -10.36
CA LEU A 486 -29.57 -24.44 -10.43
C LEU A 486 -30.75 -24.44 -11.40
N GLN A 487 -30.70 -25.31 -12.41
CA GLN A 487 -31.79 -25.36 -13.38
C GLN A 487 -32.98 -26.16 -12.86
N ASP A 488 -32.72 -27.23 -12.11
CA ASP A 488 -33.78 -28.10 -11.60
C ASP A 488 -34.20 -27.73 -10.18
N SER A 489 -34.09 -26.46 -9.80
CA SER A 489 -34.44 -26.03 -8.45
C SER A 489 -35.24 -24.74 -8.53
N GLY A 490 -35.85 -24.38 -7.41
CA GLY A 490 -36.67 -23.18 -7.33
C GLY A 490 -35.86 -21.93 -7.05
N LEU A 491 -36.53 -20.93 -6.46
CA LEU A 491 -35.85 -19.67 -6.14
C LEU A 491 -34.88 -19.83 -4.99
N GLU A 492 -35.01 -20.87 -4.18
CA GLU A 492 -34.13 -21.11 -3.04
C GLU A 492 -33.68 -22.56 -3.07
N VAL A 493 -32.38 -22.78 -2.88
CA VAL A 493 -31.80 -24.11 -3.01
C VAL A 493 -30.46 -24.14 -2.29
N ASN A 494 -30.21 -25.24 -1.59
CA ASN A 494 -28.91 -25.51 -0.99
C ASN A 494 -28.14 -26.47 -1.88
N ILE A 495 -26.85 -26.20 -2.08
CA ILE A 495 -26.01 -26.98 -2.97
C ILE A 495 -24.75 -27.38 -2.23
N VAL A 496 -24.43 -28.67 -2.27
CA VAL A 496 -23.23 -29.21 -1.64
C VAL A 496 -22.39 -29.88 -2.73
N THR A 497 -21.10 -29.55 -2.76
CA THR A 497 -20.21 -30.09 -3.77
C THR A 497 -18.84 -30.37 -3.16
N ASP A 498 -17.97 -30.99 -3.97
CA ASP A 498 -16.60 -31.26 -3.60
C ASP A 498 -15.60 -30.36 -4.31
N SER A 499 -16.00 -29.71 -5.40
CA SER A 499 -15.11 -28.88 -6.20
C SER A 499 -14.79 -27.60 -5.45
N GLN A 500 -13.58 -27.51 -4.89
CA GLN A 500 -13.13 -26.23 -4.35
C GLN A 500 -12.73 -25.27 -5.45
N TYR A 501 -12.40 -25.76 -6.64
CA TYR A 501 -12.16 -24.89 -7.79
C TYR A 501 -13.41 -24.10 -8.15
N ALA A 502 -14.56 -24.79 -8.19
CA ALA A 502 -15.81 -24.12 -8.54
C ALA A 502 -16.27 -23.14 -7.48
N LEU A 503 -15.91 -23.38 -6.21
CA LEU A 503 -16.26 -22.44 -5.16
C LEU A 503 -15.39 -21.19 -5.19
N GLY A 504 -14.09 -21.34 -5.46
CA GLY A 504 -13.21 -20.20 -5.59
C GLY A 504 -13.66 -19.20 -6.64
N ILE A 505 -14.40 -19.65 -7.64
CA ILE A 505 -14.91 -18.75 -8.68
C ILE A 505 -16.20 -18.09 -8.21
N ILE A 506 -17.16 -18.90 -7.74
CA ILE A 506 -18.49 -18.38 -7.43
C ILE A 506 -18.45 -17.48 -6.20
N GLN A 507 -17.63 -17.82 -5.20
CA GLN A 507 -17.58 -17.02 -3.99
C GLN A 507 -17.05 -15.62 -4.26
N ALA A 508 -16.26 -15.44 -5.32
CA ALA A 508 -15.77 -14.12 -5.70
C ALA A 508 -16.86 -13.23 -6.28
N GLN A 509 -18.09 -13.74 -6.37
CA GLN A 509 -19.23 -13.01 -6.94
C GLN A 509 -18.90 -12.39 -8.30
N PRO A 510 -18.58 -13.19 -9.32
CA PRO A 510 -18.32 -12.61 -10.63
C PRO A 510 -19.62 -12.37 -11.38
N ASP A 511 -19.64 -11.28 -12.15
CA ASP A 511 -20.77 -10.99 -13.03
C ASP A 511 -20.43 -11.14 -14.50
N LYS A 512 -19.15 -11.17 -14.86
CA LYS A 512 -18.71 -11.36 -16.23
C LYS A 512 -17.56 -12.35 -16.24
N SER A 513 -17.57 -13.24 -17.23
CA SER A 513 -16.54 -14.25 -17.36
C SER A 513 -16.23 -14.48 -18.84
N GLU A 514 -15.11 -15.15 -19.09
CA GLU A 514 -14.71 -15.48 -20.45
C GLU A 514 -15.24 -16.83 -20.91
N SER A 515 -15.42 -17.78 -20.00
CA SER A 515 -16.01 -19.07 -20.33
C SER A 515 -17.52 -18.95 -20.37
N GLU A 516 -18.14 -19.51 -21.42
CA GLU A 516 -19.59 -19.44 -21.55
C GLU A 516 -20.30 -20.22 -20.46
N LEU A 517 -19.66 -21.25 -19.92
CA LEU A 517 -20.30 -22.07 -18.90
C LEU A 517 -20.51 -21.28 -17.61
N VAL A 518 -19.53 -20.48 -17.22
CA VAL A 518 -19.63 -19.72 -15.97
C VAL A 518 -20.67 -18.61 -16.11
N ASN A 519 -20.73 -17.96 -17.28
CA ASN A 519 -21.73 -16.92 -17.49
C ASN A 519 -23.14 -17.48 -17.42
N GLN A 520 -23.33 -18.74 -17.80
CA GLN A 520 -24.63 -19.38 -17.64
C GLN A 520 -24.98 -19.54 -16.17
N ILE A 521 -23.99 -19.83 -15.33
CA ILE A 521 -24.24 -19.94 -13.89
C ILE A 521 -24.51 -18.57 -13.30
N ILE A 522 -23.80 -17.54 -13.76
CA ILE A 522 -23.97 -16.19 -13.24
C ILE A 522 -25.41 -15.73 -13.44
N GLU A 523 -25.94 -15.91 -14.65
CA GLU A 523 -27.32 -15.51 -14.92
C GLU A 523 -28.30 -16.31 -14.09
N GLN A 524 -27.98 -17.58 -13.80
CA GLN A 524 -28.89 -18.40 -13.01
C GLN A 524 -28.94 -17.93 -11.56
N LEU A 525 -27.80 -17.48 -11.02
CA LEU A 525 -27.77 -17.05 -9.62
C LEU A 525 -28.54 -15.76 -9.41
N ILE A 526 -28.55 -14.86 -10.39
CA ILE A 526 -29.29 -13.61 -10.25
C ILE A 526 -30.79 -13.86 -10.24
N LYS A 527 -31.26 -14.88 -10.95
CA LYS A 527 -32.68 -15.20 -10.98
C LYS A 527 -33.17 -15.77 -9.64
N LYS A 528 -32.28 -16.39 -8.86
CA LYS A 528 -32.67 -16.99 -7.61
C LYS A 528 -32.92 -15.92 -6.55
N GLU A 529 -33.49 -16.36 -5.42
CA GLU A 529 -33.69 -15.50 -4.26
C GLU A 529 -32.67 -15.77 -3.16
N LYS A 530 -32.41 -17.04 -2.85
CA LYS A 530 -31.43 -17.44 -1.86
C LYS A 530 -30.66 -18.65 -2.41
N VAL A 531 -29.33 -18.59 -2.33
CA VAL A 531 -28.47 -19.70 -2.74
C VAL A 531 -27.42 -19.91 -1.67
N TYR A 532 -27.20 -21.17 -1.30
CA TYR A 532 -26.21 -21.54 -0.30
C TYR A 532 -25.25 -22.56 -0.91
N LEU A 533 -23.95 -22.26 -0.84
CA LEU A 533 -22.91 -23.14 -1.35
C LEU A 533 -22.05 -23.64 -0.20
N ALA A 534 -21.70 -24.93 -0.25
CA ALA A 534 -20.89 -25.53 0.79
C ALA A 534 -19.99 -26.60 0.17
N TRP A 535 -18.88 -26.89 0.85
CA TRP A 535 -17.88 -27.83 0.35
C TRP A 535 -17.69 -28.96 1.33
N VAL A 536 -17.65 -30.18 0.82
CA VAL A 536 -17.40 -31.37 1.64
C VAL A 536 -16.28 -32.18 1.00
N PRO A 537 -15.40 -32.79 1.78
CA PRO A 537 -14.34 -33.61 1.18
C PRO A 537 -14.91 -34.88 0.57
N ALA A 538 -14.25 -35.34 -0.49
CA ALA A 538 -14.71 -36.53 -1.21
C ALA A 538 -14.18 -37.80 -0.56
N HIS A 539 -14.89 -38.90 -0.81
CA HIS A 539 -14.49 -40.24 -0.40
C HIS A 539 -14.30 -40.35 1.11
N LYS A 540 -14.98 -39.52 1.90
CA LYS A 540 -14.98 -39.61 3.35
C LYS A 540 -16.30 -40.12 3.89
N GLY A 541 -17.19 -40.59 3.01
CA GLY A 541 -18.43 -41.20 3.43
C GLY A 541 -19.59 -40.26 3.67
N ILE A 542 -19.50 -39.01 3.22
CA ILE A 542 -20.62 -38.08 3.38
C ILE A 542 -21.76 -38.55 2.50
N GLY A 543 -22.91 -38.82 3.13
CA GLY A 543 -24.05 -39.29 2.37
C GLY A 543 -24.53 -38.23 1.37
N GLY A 544 -24.87 -38.69 0.17
CA GLY A 544 -25.19 -37.78 -0.90
C GLY A 544 -24.01 -37.58 -1.82
N ASN A 545 -22.90 -37.08 -1.26
CA ASN A 545 -21.67 -37.00 -2.03
C ASN A 545 -21.11 -38.39 -2.32
N GLU A 546 -21.25 -39.31 -1.37
CA GLU A 546 -20.82 -40.69 -1.60
C GLU A 546 -21.75 -41.40 -2.58
N GLN A 547 -23.03 -41.06 -2.56
CA GLN A 547 -23.98 -41.69 -3.49
C GLN A 547 -23.76 -41.18 -4.91
N VAL A 548 -23.66 -39.87 -5.09
CA VAL A 548 -23.49 -39.29 -6.42
C VAL A 548 -22.07 -39.47 -6.96
N ASP A 549 -21.14 -39.94 -6.14
CA ASP A 549 -19.78 -40.19 -6.62
C ASP A 549 -19.74 -41.45 -7.48
N LYS A 550 -20.44 -42.51 -7.07
CA LYS A 550 -20.49 -43.73 -7.86
C LYS A 550 -21.33 -43.56 -9.12
N LEU A 551 -22.21 -42.55 -9.16
CA LEU A 551 -23.04 -42.29 -10.32
C LEU A 551 -22.31 -41.48 -11.39
N VAL A 552 -21.04 -41.13 -11.18
CA VAL A 552 -20.26 -40.42 -12.18
C VAL A 552 -18.89 -41.08 -12.32
N ILE B 21 39.88 5.98 7.04
CA ILE B 21 39.78 4.54 7.20
C ILE B 21 39.76 3.84 5.85
N GLU B 22 40.38 2.67 5.78
CA GLU B 22 40.41 1.90 4.55
C GLU B 22 39.03 1.33 4.24
N THR B 23 38.92 0.68 3.09
CA THR B 23 37.65 0.11 2.63
C THR B 23 37.78 -1.40 2.50
N VAL B 24 36.75 -2.11 2.92
CA VAL B 24 36.73 -3.58 2.80
C VAL B 24 36.27 -3.94 1.40
N PRO B 25 36.97 -4.84 0.71
CA PRO B 25 36.54 -5.23 -0.65
C PRO B 25 35.22 -5.97 -0.62
N VAL B 26 34.26 -5.50 -1.42
CA VAL B 26 32.93 -6.08 -1.51
C VAL B 26 32.71 -6.53 -2.95
N LYS B 27 32.28 -7.77 -3.11
CA LYS B 27 32.00 -8.35 -4.42
C LYS B 27 30.57 -8.88 -4.45
N LEU B 28 30.12 -9.22 -5.65
CA LEU B 28 28.79 -9.81 -5.85
C LEU B 28 28.89 -11.33 -5.89
N LYS B 29 27.75 -11.98 -5.73
CA LYS B 29 27.69 -13.42 -5.86
C LYS B 29 28.11 -13.82 -7.27
N PRO B 30 28.76 -14.97 -7.44
CA PRO B 30 29.30 -15.33 -8.75
C PRO B 30 28.21 -15.50 -9.80
N GLY B 31 28.35 -14.76 -10.90
CA GLY B 31 27.48 -14.92 -12.05
C GLY B 31 26.26 -14.02 -12.08
N MET B 32 26.25 -12.94 -11.32
CA MET B 32 25.10 -12.04 -11.26
C MET B 32 25.56 -10.60 -11.37
N ASP B 33 24.81 -9.81 -12.14
CA ASP B 33 25.09 -8.41 -12.32
C ASP B 33 24.32 -7.57 -11.30
N GLY B 34 24.45 -6.25 -11.39
CA GLY B 34 23.83 -5.37 -10.45
C GLY B 34 22.32 -5.27 -10.65
N PRO B 35 21.68 -4.49 -9.78
CA PRO B 35 20.22 -4.33 -9.88
C PRO B 35 19.83 -3.30 -10.93
N LYS B 36 18.72 -3.60 -11.63
CA LYS B 36 18.17 -2.71 -12.65
C LYS B 36 16.66 -2.64 -12.45
N VAL B 37 16.24 -1.97 -11.38
CA VAL B 37 14.84 -1.88 -10.98
C VAL B 37 14.34 -0.48 -11.24
N LYS B 38 13.21 -0.36 -11.93
CA LYS B 38 12.66 0.94 -12.29
C LYS B 38 12.17 1.68 -11.05
N GLN B 39 12.24 3.01 -11.12
CA GLN B 39 11.78 3.87 -10.03
C GLN B 39 10.28 4.10 -10.15
N TRP B 40 9.56 3.93 -9.05
CA TRP B 40 8.13 4.13 -9.10
C TRP B 40 7.78 5.58 -8.80
N PRO B 41 6.58 6.03 -9.17
CA PRO B 41 6.22 7.43 -8.92
C PRO B 41 6.12 7.76 -7.44
N LEU B 42 6.44 9.02 -7.12
CA LEU B 42 6.42 9.50 -5.75
C LEU B 42 5.59 10.78 -5.67
N THR B 43 5.00 11.00 -4.49
CA THR B 43 4.18 12.19 -4.27
C THR B 43 5.07 13.42 -4.12
N GLU B 44 4.43 14.59 -4.11
CA GLU B 44 5.17 15.84 -4.02
C GLU B 44 5.85 15.99 -2.66
N GLU B 45 5.20 15.53 -1.60
CA GLU B 45 5.82 15.53 -0.28
C GLU B 45 7.18 14.84 -0.31
N LYS B 46 7.23 13.63 -0.87
CA LYS B 46 8.44 12.83 -0.84
C LYS B 46 9.48 13.32 -1.84
N ILE B 47 9.05 13.85 -2.98
CA ILE B 47 10.00 14.38 -3.95
C ILE B 47 10.69 15.63 -3.39
N LYS B 48 9.90 16.55 -2.82
CA LYS B 48 10.49 17.71 -2.16
C LYS B 48 11.35 17.31 -0.97
N ALA B 49 10.99 16.22 -0.29
CA ALA B 49 11.76 15.77 0.86
C ALA B 49 13.01 15.00 0.46
N LEU B 50 13.00 14.35 -0.70
CA LEU B 50 14.17 13.61 -1.13
C LEU B 50 15.24 14.51 -1.74
N VAL B 51 14.83 15.59 -2.43
CA VAL B 51 15.83 16.49 -2.99
C VAL B 51 16.50 17.31 -1.88
N GLU B 52 15.77 17.61 -0.81
CA GLU B 52 16.36 18.35 0.30
C GLU B 52 17.38 17.49 1.05
N ILE B 53 17.13 16.18 1.15
CA ILE B 53 18.07 15.30 1.83
C ILE B 53 19.27 15.01 0.95
N CYS B 54 19.05 14.80 -0.35
CA CYS B 54 20.15 14.43 -1.24
C CYS B 54 21.14 15.57 -1.42
N THR B 55 20.68 16.83 -1.39
CA THR B 55 21.62 17.94 -1.48
C THR B 55 22.49 18.03 -0.24
N GLU B 56 21.89 17.88 0.95
CA GLU B 56 22.68 17.89 2.18
C GLU B 56 23.63 16.70 2.23
N MET B 57 23.25 15.57 1.64
CA MET B 57 24.12 14.41 1.62
C MET B 57 25.18 14.49 0.52
N GLU B 58 24.97 15.33 -0.50
CA GLU B 58 26.00 15.52 -1.51
C GLU B 58 27.04 16.53 -1.04
N LYS B 59 26.60 17.59 -0.34
CA LYS B 59 27.53 18.53 0.25
C LYS B 59 28.40 17.87 1.33
N GLU B 60 27.93 16.80 1.94
CA GLU B 60 28.68 16.07 2.96
C GLU B 60 29.41 14.85 2.40
N GLY B 61 29.48 14.72 1.08
CA GLY B 61 30.21 13.65 0.45
C GLY B 61 29.61 12.27 0.58
N LYS B 62 28.48 12.13 1.28
CA LYS B 62 27.86 10.82 1.43
C LYS B 62 27.38 10.25 0.11
N ILE B 63 26.95 11.12 -0.81
CA ILE B 63 26.54 10.71 -2.15
C ILE B 63 27.13 11.68 -3.16
N SER B 64 27.38 11.17 -4.37
CA SER B 64 27.93 11.96 -5.46
C SER B 64 27.07 11.80 -6.70
N LYS B 65 26.89 12.90 -7.43
CA LYS B 65 26.06 12.89 -8.63
C LYS B 65 26.68 12.00 -9.71
N ILE B 66 25.83 11.29 -10.45
CA ILE B 66 26.23 10.41 -11.54
C ILE B 66 25.28 10.61 -12.71
N GLY B 67 25.49 9.83 -13.78
CA GLY B 67 24.71 9.96 -14.98
C GLY B 67 24.30 8.63 -15.59
N PRO B 68 23.85 8.67 -16.85
CA PRO B 68 23.33 7.46 -17.50
C PRO B 68 24.39 6.42 -17.82
N GLU B 69 25.67 6.73 -17.63
CA GLU B 69 26.71 5.74 -17.88
C GLU B 69 26.68 4.61 -16.84
N ASN B 70 26.04 4.84 -15.69
CA ASN B 70 25.82 3.80 -14.70
C ASN B 70 24.58 3.00 -15.06
N PRO B 71 24.73 1.72 -15.43
CA PRO B 71 23.58 0.93 -15.90
C PRO B 71 22.72 0.33 -14.78
N TYR B 72 22.96 0.69 -13.53
CA TYR B 72 22.26 0.10 -12.40
C TYR B 72 21.38 1.14 -11.72
N ASN B 73 20.32 0.66 -11.08
CA ASN B 73 19.39 1.54 -10.37
C ASN B 73 18.58 0.71 -9.39
N THR B 74 18.17 1.36 -8.29
CA THR B 74 17.37 0.75 -7.25
C THR B 74 16.38 1.79 -6.74
N PRO B 75 15.17 1.38 -6.37
CA PRO B 75 14.12 2.36 -6.02
C PRO B 75 14.40 3.05 -4.70
N VAL B 76 14.01 4.33 -4.65
CA VAL B 76 14.14 5.15 -3.45
C VAL B 76 12.78 5.78 -3.15
N PHE B 77 12.41 5.83 -1.87
CA PHE B 77 11.19 6.50 -1.46
C PHE B 77 11.44 7.11 -0.07
N ALA B 78 10.36 7.55 0.58
CA ALA B 78 10.47 8.27 1.84
C ALA B 78 9.47 7.76 2.85
N ILE B 79 9.89 7.67 4.10
CA ILE B 79 8.99 7.35 5.21
C ILE B 79 9.07 8.49 6.22
N LYS B 80 8.45 8.31 7.38
CA LYS B 80 8.44 9.32 8.43
C LYS B 80 9.49 8.98 9.48
N LYS B 81 10.16 10.01 9.99
CA LYS B 81 11.07 9.81 11.10
C LYS B 81 10.31 9.35 12.34
N LYS B 82 11.03 8.70 13.25
CA LYS B 82 10.39 8.15 14.44
C LYS B 82 9.94 9.28 15.36
N ASP B 83 8.66 9.22 15.77
CA ASP B 83 8.06 10.21 16.67
C ASP B 83 8.19 11.62 16.10
N SER B 84 8.00 11.75 14.80
CA SER B 84 8.16 13.04 14.14
C SER B 84 7.38 13.05 12.84
N THR B 85 7.12 14.26 12.34
CA THR B 85 6.52 14.45 11.03
C THR B 85 7.55 14.68 9.95
N LYS B 86 8.82 14.86 10.31
CA LYS B 86 9.87 15.04 9.32
C LYS B 86 10.06 13.76 8.50
N TRP B 87 10.39 13.93 7.23
CA TRP B 87 10.52 12.81 6.30
C TRP B 87 11.91 12.21 6.38
N ARG B 88 11.95 10.89 6.17
CA ARG B 88 13.18 10.10 6.15
C ARG B 88 13.45 9.66 4.71
N LYS B 89 14.65 9.13 4.49
CA LYS B 89 15.04 8.61 3.19
C LYS B 89 15.30 7.12 3.32
N LEU B 90 14.55 6.31 2.56
CA LEU B 90 14.66 4.87 2.60
C LEU B 90 14.83 4.34 1.19
N VAL B 91 15.81 3.45 1.01
CA VAL B 91 16.12 2.86 -0.29
C VAL B 91 15.73 1.39 -0.25
N ASP B 92 15.12 0.92 -1.34
CA ASP B 92 14.68 -0.47 -1.46
C ASP B 92 15.82 -1.28 -2.08
N PHE B 93 16.75 -1.68 -1.20
CA PHE B 93 17.93 -2.44 -1.62
C PHE B 93 17.66 -3.94 -1.67
N ARG B 94 16.41 -4.33 -1.89
CA ARG B 94 16.06 -5.75 -1.85
C ARG B 94 16.77 -6.52 -2.96
N GLU B 95 16.71 -6.01 -4.19
CA GLU B 95 17.33 -6.72 -5.30
C GLU B 95 18.86 -6.71 -5.20
N LEU B 96 19.43 -5.65 -4.61
CA LEU B 96 20.88 -5.60 -4.44
C LEU B 96 21.34 -6.60 -3.38
N ASN B 97 20.61 -6.69 -2.26
CA ASN B 97 20.99 -7.64 -1.21
C ASN B 97 20.94 -9.07 -1.72
N LYS B 98 20.02 -9.38 -2.63
CA LYS B 98 19.98 -10.72 -3.22
C LYS B 98 21.21 -11.00 -4.05
N ARG B 99 21.94 -9.97 -4.49
CA ARG B 99 23.05 -10.12 -5.40
C ARG B 99 24.41 -9.86 -4.78
N THR B 100 24.46 -9.32 -3.56
CA THR B 100 25.75 -9.11 -2.90
C THR B 100 26.25 -10.40 -2.27
N GLN B 101 27.56 -10.48 -2.08
CA GLN B 101 28.20 -11.69 -1.56
C GLN B 101 27.67 -12.03 -0.17
N ASP B 102 27.78 -13.31 0.18
CA ASP B 102 27.41 -13.77 1.51
C ASP B 102 28.55 -13.45 2.47
N PHE B 103 28.32 -12.49 3.36
CA PHE B 103 29.33 -12.08 4.34
C PHE B 103 29.37 -13.10 5.45
N TRP B 104 30.38 -13.96 5.43
CA TRP B 104 30.64 -14.89 6.52
C TRP B 104 32.04 -14.76 7.10
N GLU B 105 33.03 -14.54 6.25
CA GLU B 105 34.42 -14.39 6.69
C GLU B 105 34.73 -12.96 7.09
N PRO B 111 25.72 -16.43 14.99
CA PRO B 111 25.05 -16.85 16.23
C PRO B 111 23.83 -15.98 16.55
N HIS B 112 22.72 -16.61 16.89
CA HIS B 112 21.49 -15.90 17.22
C HIS B 112 21.10 -16.19 18.66
N PRO B 113 20.81 -15.15 19.46
CA PRO B 113 20.45 -15.39 20.87
C PRO B 113 19.10 -16.07 21.03
N ALA B 114 19.12 -17.31 21.52
CA ALA B 114 17.87 -18.03 21.76
C ALA B 114 17.10 -17.45 22.94
N GLY B 115 17.76 -16.64 23.79
CA GLY B 115 17.11 -16.05 24.94
C GLY B 115 16.55 -14.67 24.72
N LEU B 116 16.78 -14.08 23.54
CA LEU B 116 16.20 -12.77 23.25
C LEU B 116 14.68 -12.83 23.26
N LYS B 117 14.11 -13.93 22.76
CA LYS B 117 12.65 -14.12 22.74
C LYS B 117 12.09 -14.45 24.12
N LYS B 118 12.90 -14.42 25.18
CA LYS B 118 12.45 -14.73 26.52
C LYS B 118 12.42 -13.53 27.45
N LYS B 119 13.03 -12.42 27.06
CA LYS B 119 13.14 -11.27 27.95
C LYS B 119 11.78 -10.63 28.19
N LYS B 120 11.65 -10.01 29.37
CA LYS B 120 10.41 -9.31 29.69
C LYS B 120 10.20 -8.09 28.80
N SER B 121 11.29 -7.50 28.29
CA SER B 121 11.20 -6.33 27.43
C SER B 121 12.36 -6.34 26.45
N VAL B 122 12.07 -5.98 25.21
CA VAL B 122 13.10 -5.82 24.17
C VAL B 122 12.82 -4.50 23.44
N THR B 123 13.79 -3.60 23.45
CA THR B 123 13.68 -2.31 22.80
C THR B 123 14.50 -2.29 21.52
N VAL B 124 13.97 -1.66 20.48
CA VAL B 124 14.64 -1.52 19.20
C VAL B 124 15.21 -0.12 19.08
N LEU B 125 16.49 -0.02 18.72
CA LEU B 125 17.18 1.25 18.59
C LEU B 125 17.73 1.39 17.18
N ASP B 126 17.41 2.49 16.52
CA ASP B 126 17.91 2.77 15.18
C ASP B 126 19.33 3.31 15.29
N VAL B 127 20.32 2.51 14.89
CA VAL B 127 21.72 2.92 14.96
C VAL B 127 22.29 3.03 13.56
N GLY B 128 21.44 3.31 12.58
CA GLY B 128 21.90 3.41 11.20
C GLY B 128 22.76 4.62 10.91
N ASP B 129 22.84 5.59 11.82
CA ASP B 129 23.67 6.76 11.59
C ASP B 129 25.14 6.41 11.52
N ALA B 130 25.56 5.33 12.20
CA ALA B 130 26.96 4.93 12.18
C ALA B 130 27.42 4.54 10.79
N TYR B 131 26.51 4.07 9.94
CA TYR B 131 26.88 3.62 8.61
C TYR B 131 27.36 4.78 7.73
N PHE B 132 26.85 5.99 7.97
CA PHE B 132 27.20 7.15 7.15
C PHE B 132 28.57 7.73 7.51
N SER B 133 29.39 6.98 8.25
CA SER B 133 30.74 7.41 8.58
C SER B 133 31.84 6.54 7.98
N VAL B 134 31.50 5.35 7.51
CA VAL B 134 32.47 4.40 6.98
C VAL B 134 32.46 4.50 5.45
N PRO B 135 33.58 4.82 4.82
CA PRO B 135 33.60 4.90 3.36
C PRO B 135 33.36 3.54 2.71
N LEU B 136 32.82 3.57 1.50
CA LEU B 136 32.44 2.38 0.77
C LEU B 136 33.46 2.07 -0.33
N ASP B 137 33.63 0.77 -0.61
CA ASP B 137 34.49 0.32 -1.69
C ASP B 137 34.16 1.04 -2.99
N GLU B 138 35.20 1.60 -3.62
CA GLU B 138 35.00 2.38 -4.83
C GLU B 138 34.45 1.53 -5.97
N ASP B 139 34.96 0.31 -6.12
CA ASP B 139 34.51 -0.57 -7.21
C ASP B 139 33.11 -1.15 -6.96
N PHE B 140 32.43 -0.72 -5.89
CA PHE B 140 31.09 -1.18 -5.58
C PHE B 140 30.05 -0.07 -5.58
N ARG B 141 30.47 1.20 -5.55
CA ARG B 141 29.52 2.30 -5.41
C ARG B 141 28.58 2.40 -6.61
N LYS B 142 29.00 1.93 -7.79
CA LYS B 142 28.13 1.99 -8.95
C LYS B 142 26.91 1.09 -8.81
N TYR B 143 26.98 0.04 -7.99
CA TYR B 143 25.82 -0.81 -7.74
C TYR B 143 24.80 -0.17 -6.82
N THR B 144 25.09 1.00 -6.26
CA THR B 144 24.24 1.66 -5.29
C THR B 144 23.42 2.79 -5.91
N ALA B 145 23.36 2.86 -7.23
CA ALA B 145 22.75 4.00 -7.90
C ALA B 145 21.24 4.00 -7.72
N PHE B 146 20.68 5.20 -7.53
CA PHE B 146 19.24 5.41 -7.51
C PHE B 146 18.91 6.69 -8.26
N THR B 147 17.63 6.85 -8.61
CA THR B 147 17.18 7.96 -9.43
C THR B 147 16.04 8.69 -8.74
N ILE B 148 16.09 10.01 -8.73
CA ILE B 148 15.02 10.85 -8.19
C ILE B 148 14.14 11.30 -9.35
N PRO B 149 12.82 11.09 -9.28
CA PRO B 149 11.96 11.52 -10.39
C PRO B 149 11.49 12.96 -10.24
N SER B 150 10.71 13.44 -11.20
CA SER B 150 10.22 14.81 -11.22
C SER B 150 8.72 14.82 -11.44
N ILE B 151 8.04 15.76 -10.79
CA ILE B 151 6.59 15.90 -10.98
C ILE B 151 6.31 16.27 -12.43
N ASN B 152 5.50 15.45 -13.10
CA ASN B 152 5.12 15.64 -14.50
C ASN B 152 6.31 15.60 -15.45
N ASN B 153 7.41 14.96 -15.04
CA ASN B 153 8.60 14.79 -15.88
C ASN B 153 9.13 16.13 -16.37
N GLU B 154 9.05 17.15 -15.50
CA GLU B 154 9.64 18.44 -15.84
C GLU B 154 11.14 18.34 -16.06
N THR B 155 11.80 17.44 -15.35
CA THR B 155 13.24 17.22 -15.44
C THR B 155 13.50 15.73 -15.53
N PRO B 156 14.48 15.31 -16.33
CA PRO B 156 14.88 13.89 -16.34
C PRO B 156 15.39 13.42 -14.99
N GLY B 157 15.81 12.16 -14.92
CA GLY B 157 16.16 11.56 -13.65
C GLY B 157 17.45 12.12 -13.09
N ILE B 158 17.40 12.57 -11.84
CA ILE B 158 18.57 13.03 -11.10
C ILE B 158 19.13 11.83 -10.34
N ARG B 159 20.26 11.30 -10.80
CA ARG B 159 20.83 10.08 -10.23
C ARG B 159 21.93 10.40 -9.22
N TYR B 160 22.17 9.44 -8.34
CA TYR B 160 23.21 9.55 -7.33
C TYR B 160 23.78 8.16 -7.06
N GLN B 161 24.85 8.11 -6.28
CA GLN B 161 25.41 6.86 -5.79
C GLN B 161 26.06 7.11 -4.45
N TYR B 162 26.14 6.06 -3.64
CA TYR B 162 26.63 6.19 -2.27
C TYR B 162 28.16 6.11 -2.21
N ASN B 163 28.75 6.98 -1.40
CA ASN B 163 30.17 6.92 -1.09
C ASN B 163 30.44 6.23 0.24
N VAL B 164 29.46 6.17 1.13
CA VAL B 164 29.60 5.53 2.43
C VAL B 164 28.71 4.29 2.47
N LEU B 165 28.71 3.60 3.60
CA LEU B 165 27.83 2.43 3.75
C LEU B 165 26.39 2.89 3.79
N PRO B 166 25.54 2.43 2.87
CA PRO B 166 24.15 2.90 2.84
C PRO B 166 23.27 2.13 3.83
N GLN B 167 22.33 2.84 4.43
CA GLN B 167 21.37 2.21 5.31
C GLN B 167 20.46 1.29 4.51
N GLY B 168 20.16 0.12 5.07
CA GLY B 168 19.33 -0.86 4.41
C GLY B 168 20.05 -1.78 3.46
N TRP B 169 21.37 -1.70 3.38
CA TRP B 169 22.17 -2.63 2.58
C TRP B 169 22.69 -3.73 3.49
N LYS B 170 22.59 -4.98 3.03
CA LYS B 170 22.96 -6.10 3.89
C LYS B 170 24.45 -6.14 4.18
N GLY B 171 25.27 -5.44 3.40
CA GLY B 171 26.70 -5.38 3.68
C GLY B 171 27.10 -4.39 4.74
N SER B 172 26.24 -3.40 5.01
CA SER B 172 26.60 -2.38 6.00
C SER B 172 26.77 -2.92 7.41
N PRO B 173 25.86 -3.72 7.97
CA PRO B 173 26.09 -4.20 9.34
C PRO B 173 27.28 -5.16 9.45
N ALA B 174 27.55 -5.95 8.41
CA ALA B 174 28.67 -6.89 8.48
C ALA B 174 30.01 -6.16 8.45
N ILE B 175 30.15 -5.18 7.55
CA ILE B 175 31.37 -4.38 7.51
C ILE B 175 31.58 -3.64 8.81
N PHE B 176 30.49 -3.17 9.42
CA PHE B 176 30.55 -2.43 10.67
C PHE B 176 30.50 -3.33 11.91
N GLN B 177 30.37 -4.65 11.73
CA GLN B 177 30.29 -5.54 12.88
C GLN B 177 31.57 -5.53 13.70
N SER B 178 32.72 -5.36 13.05
CA SER B 178 33.98 -5.29 13.79
C SER B 178 34.06 -4.01 14.62
N SER B 179 33.39 -2.95 14.18
CA SER B 179 33.44 -1.68 14.90
C SER B 179 32.42 -1.64 16.04
N MET B 180 31.23 -2.20 15.82
CA MET B 180 30.18 -2.10 16.84
C MET B 180 30.48 -2.99 18.04
N THR B 181 31.01 -4.19 17.81
CA THR B 181 31.36 -5.07 18.92
C THR B 181 32.34 -4.39 19.87
N LYS B 182 33.22 -3.55 19.34
CA LYS B 182 34.15 -2.80 20.17
C LYS B 182 33.43 -1.72 20.97
N ILE B 183 32.38 -1.13 20.42
CA ILE B 183 31.66 -0.05 21.11
C ILE B 183 30.81 -0.60 22.24
N LEU B 184 30.19 -1.75 22.04
CA LEU B 184 29.25 -2.30 23.00
C LEU B 184 29.90 -3.13 24.10
N GLU B 185 31.19 -3.46 23.97
CA GLU B 185 31.83 -4.36 24.92
C GLU B 185 32.00 -3.73 26.30
N PRO B 186 32.39 -2.45 26.41
CA PRO B 186 32.35 -1.82 27.74
C PRO B 186 30.97 -1.84 28.37
N PHE B 187 29.92 -1.59 27.57
CA PHE B 187 28.57 -1.59 28.12
C PHE B 187 28.12 -3.00 28.50
N LYS B 188 28.42 -3.99 27.66
CA LYS B 188 28.02 -5.36 27.95
C LYS B 188 28.71 -5.89 29.19
N LYS B 189 29.91 -5.40 29.51
CA LYS B 189 30.61 -5.85 30.71
C LYS B 189 29.88 -5.38 31.96
N GLN B 190 29.59 -4.08 32.05
CA GLN B 190 28.91 -3.54 33.22
C GLN B 190 27.48 -4.06 33.36
N ASN B 191 26.88 -4.56 32.28
CA ASN B 191 25.51 -5.10 32.29
C ASN B 191 25.54 -6.47 31.62
N PRO B 192 26.00 -7.51 32.34
CA PRO B 192 26.18 -8.83 31.72
C PRO B 192 24.90 -9.62 31.53
N ASP B 193 23.74 -9.10 31.94
CA ASP B 193 22.47 -9.81 31.81
C ASP B 193 21.59 -9.19 30.74
N ILE B 194 22.15 -8.40 29.83
CA ILE B 194 21.39 -7.66 28.83
C ILE B 194 21.80 -8.18 27.46
N VAL B 195 20.89 -8.87 26.80
CA VAL B 195 21.14 -9.37 25.45
C VAL B 195 21.06 -8.20 24.47
N ILE B 196 22.00 -8.15 23.54
CA ILE B 196 22.01 -7.16 22.47
C ILE B 196 22.19 -7.89 21.16
N TYR B 197 21.18 -7.84 20.30
CA TYR B 197 21.22 -8.45 18.98
C TYR B 197 20.98 -7.38 17.92
N GLN B 198 21.70 -7.49 16.81
CA GLN B 198 21.62 -6.51 15.73
C GLN B 198 21.10 -7.15 14.47
N TYR B 199 20.16 -6.46 13.81
CA TYR B 199 19.68 -6.86 12.49
C TYR B 199 19.56 -5.60 11.64
N MET B 200 20.37 -5.51 10.59
CA MET B 200 20.40 -4.36 9.68
C MET B 200 20.76 -3.12 10.49
N ASP B 201 19.92 -2.09 10.55
CA ASP B 201 20.27 -0.82 11.18
C ASP B 201 19.76 -0.71 12.61
N ASP B 202 19.24 -1.80 13.18
CA ASP B 202 18.55 -1.75 14.46
C ASP B 202 19.22 -2.65 15.48
N LEU B 203 19.24 -2.20 16.73
CA LEU B 203 19.72 -2.98 17.86
C LEU B 203 18.53 -3.45 18.68
N TYR B 204 18.52 -4.74 19.03
CA TYR B 204 17.45 -5.34 19.81
C TYR B 204 18.02 -5.60 21.21
N VAL B 205 17.62 -4.76 22.16
CA VAL B 205 18.17 -4.77 23.51
C VAL B 205 17.13 -5.38 24.44
N GLY B 206 17.39 -6.60 24.91
CA GLY B 206 16.49 -7.27 25.82
C GLY B 206 16.98 -7.16 27.27
N SER B 207 16.03 -7.09 28.19
CA SER B 207 16.35 -7.00 29.61
C SER B 207 15.18 -7.57 30.42
N ASP B 208 15.47 -7.85 31.69
CA ASP B 208 14.48 -8.35 32.63
C ASP B 208 14.00 -7.27 33.60
N LEU B 209 14.28 -6.00 33.29
CA LEU B 209 13.99 -4.91 34.20
C LEU B 209 12.57 -4.38 33.99
N GLU B 210 12.03 -3.78 35.05
CA GLU B 210 10.70 -3.20 35.02
C GLU B 210 10.62 -2.10 36.07
N ILE B 211 9.43 -1.54 36.23
CA ILE B 211 9.18 -0.42 37.15
C ILE B 211 10.13 0.72 36.80
N GLY B 212 10.23 1.04 35.51
CA GLY B 212 11.07 2.12 35.03
C GLY B 212 12.53 1.77 34.90
N GLN B 213 12.98 0.62 35.38
CA GLN B 213 14.41 0.30 35.35
C GLN B 213 14.87 -0.04 33.93
N HIS B 214 14.01 -0.69 33.14
CA HIS B 214 14.38 -0.98 31.75
C HIS B 214 14.50 0.30 30.94
N ARG B 215 13.62 1.28 31.19
CA ARG B 215 13.68 2.54 30.46
C ARG B 215 14.97 3.28 30.75
N THR B 216 15.42 3.29 32.01
CA THR B 216 16.62 4.03 32.38
C THR B 216 17.87 3.37 31.80
N LYS B 217 17.89 2.04 31.70
CA LYS B 217 19.07 1.36 31.19
C LYS B 217 19.23 1.54 29.68
N ILE B 218 18.12 1.67 28.96
CA ILE B 218 18.20 1.95 27.53
C ILE B 218 18.79 3.33 27.29
N GLU B 219 18.47 4.29 28.17
CA GLU B 219 19.03 5.63 28.03
C GLU B 219 20.50 5.66 28.39
N GLU B 220 20.95 4.73 29.25
CA GLU B 220 22.38 4.57 29.49
C GLU B 220 23.08 4.09 28.23
N LEU B 221 22.49 3.12 27.53
CA LEU B 221 23.05 2.68 26.26
C LEU B 221 23.00 3.78 25.22
N ARG B 222 21.96 4.62 25.25
CA ARG B 222 21.91 5.77 24.35
C ARG B 222 23.02 6.76 24.67
N GLN B 223 23.39 6.89 25.95
CA GLN B 223 24.51 7.75 26.32
C GLN B 223 25.84 7.12 25.97
N HIS B 224 25.95 5.79 26.09
CA HIS B 224 27.17 5.10 25.71
C HIS B 224 27.43 5.25 24.21
N LEU B 225 26.41 5.00 23.39
CA LEU B 225 26.58 5.14 21.94
C LEU B 225 26.92 6.57 21.56
N LEU B 226 26.42 7.54 22.31
CA LEU B 226 26.69 8.95 21.98
C LEU B 226 28.16 9.29 22.21
N ARG B 227 28.76 8.75 23.27
CA ARG B 227 30.15 9.04 23.56
C ARG B 227 31.08 8.51 22.47
N TRP B 228 30.67 7.48 21.76
CA TRP B 228 31.41 6.98 20.61
C TRP B 228 30.99 7.62 19.30
N GLY B 229 30.08 8.59 19.35
CA GLY B 229 29.65 9.28 18.15
C GLY B 229 28.54 8.60 17.38
N LEU B 230 27.62 7.93 18.06
CA LEU B 230 26.50 7.23 17.44
C LEU B 230 25.21 7.93 17.85
N THR B 231 24.67 8.73 16.94
CA THR B 231 23.40 9.41 17.20
C THR B 231 22.24 8.43 17.07
N THR B 232 21.30 8.53 17.99
CA THR B 232 20.08 7.72 18.00
C THR B 232 18.88 8.64 18.16
N PRO B 233 17.72 8.24 17.64
CA PRO B 233 16.52 9.07 17.78
C PRO B 233 16.22 9.41 19.24
N ASP B 234 16.26 10.70 19.56
CA ASP B 234 16.12 11.17 20.94
C ASP B 234 14.85 11.96 21.15
N LYS B 235 13.85 11.81 20.28
CA LYS B 235 12.61 12.55 20.42
C LYS B 235 11.71 11.95 21.49
N LYS B 236 10.96 12.82 22.16
CA LYS B 236 10.02 12.38 23.17
C LYS B 236 8.91 11.56 22.53
N HIS B 237 8.51 10.48 23.20
CA HIS B 237 7.49 9.59 22.63
C HIS B 237 6.16 10.31 22.49
N GLN B 238 5.55 10.17 21.31
CA GLN B 238 4.31 10.86 21.01
C GLN B 238 3.20 10.46 21.99
N LYS B 239 2.39 11.43 22.37
CA LYS B 239 1.24 11.19 23.25
C LYS B 239 -0.09 11.22 22.49
N GLU B 240 -0.06 11.41 21.18
CA GLU B 240 -1.27 11.40 20.38
C GLU B 240 -1.23 10.25 19.37
N PRO B 241 -2.35 9.59 19.12
CA PRO B 241 -2.34 8.41 18.28
C PRO B 241 -2.16 8.79 16.82
N PRO B 242 -1.63 7.88 15.99
CA PRO B 242 -1.20 6.53 16.35
C PRO B 242 0.13 6.50 17.11
N PHE B 243 0.19 5.69 18.18
CA PHE B 243 1.41 5.57 18.99
C PHE B 243 2.37 4.60 18.28
N LEU B 244 2.96 5.10 17.19
CA LEU B 244 3.83 4.27 16.37
C LEU B 244 5.07 3.82 17.11
N TRP B 245 5.47 4.55 18.15
CA TRP B 245 6.66 4.17 18.92
C TRP B 245 6.46 2.90 19.72
N MET B 246 5.22 2.44 19.89
CA MET B 246 4.97 1.20 20.61
C MET B 246 5.41 -0.02 19.82
N GLY B 247 5.57 0.12 18.50
CA GLY B 247 6.09 -0.98 17.70
C GLY B 247 7.53 -1.33 18.00
N TYR B 248 8.28 -0.40 18.59
CA TYR B 248 9.67 -0.62 18.93
C TYR B 248 9.84 -1.11 20.36
N GLU B 249 8.77 -1.19 21.14
CA GLU B 249 8.80 -1.68 22.52
C GLU B 249 8.13 -3.05 22.54
N LEU B 250 8.92 -4.10 22.79
CA LEU B 250 8.44 -5.46 22.69
C LEU B 250 8.47 -6.15 24.05
N HIS B 251 7.71 -7.24 24.15
CA HIS B 251 7.68 -8.08 25.35
C HIS B 251 7.53 -9.53 24.90
N PRO B 252 8.63 -10.14 24.42
CA PRO B 252 8.52 -11.46 23.79
C PRO B 252 8.10 -12.57 24.75
N ASP B 253 8.28 -12.40 26.06
CA ASP B 253 7.92 -13.46 27.00
C ASP B 253 6.42 -13.67 27.10
N LYS B 254 5.62 -12.75 26.55
CA LYS B 254 4.16 -12.84 26.61
C LYS B 254 3.54 -13.18 25.27
N TRP B 255 4.35 -13.51 24.26
CA TRP B 255 3.81 -13.86 22.96
C TRP B 255 3.18 -15.24 23.01
N THR B 256 1.99 -15.36 22.43
CA THR B 256 1.22 -16.59 22.44
C THR B 256 1.06 -17.13 21.03
N VAL B 257 0.62 -18.37 20.93
CA VAL B 257 0.33 -19.02 19.66
C VAL B 257 -1.18 -19.21 19.55
N GLN B 258 -1.68 -19.09 18.32
CA GLN B 258 -3.10 -19.27 18.04
C GLN B 258 -3.32 -20.69 17.54
N PRO B 259 -3.88 -21.58 18.36
CA PRO B 259 -4.05 -22.97 17.91
C PRO B 259 -5.33 -23.13 17.10
N ILE B 260 -5.38 -24.24 16.36
CA ILE B 260 -6.58 -24.59 15.62
C ILE B 260 -7.69 -24.91 16.61
N VAL B 261 -8.85 -24.29 16.42
CA VAL B 261 -9.97 -24.40 17.34
C VAL B 261 -11.19 -24.89 16.57
N LEU B 262 -11.86 -25.95 17.10
CA LEU B 262 -13.08 -26.52 16.56
C LEU B 262 -14.29 -25.77 17.07
N PRO B 263 -15.39 -25.77 16.33
CA PRO B 263 -16.61 -25.12 16.81
C PRO B 263 -17.12 -25.75 18.09
N GLU B 264 -17.58 -24.91 19.01
CA GLU B 264 -18.09 -25.34 20.31
C GLU B 264 -19.61 -25.19 20.29
N LYS B 265 -20.31 -26.32 20.22
CA LYS B 265 -21.75 -26.33 20.17
C LYS B 265 -22.28 -27.48 21.03
N ASP B 266 -23.51 -27.31 21.53
CA ASP B 266 -24.20 -28.39 22.22
C ASP B 266 -25.25 -29.08 21.35
N SER B 267 -25.67 -28.45 20.26
CA SER B 267 -26.58 -29.06 19.29
C SER B 267 -26.02 -28.81 17.90
N TRP B 268 -25.96 -29.85 17.09
CA TRP B 268 -25.34 -29.79 15.78
C TRP B 268 -26.34 -30.15 14.69
N THR B 269 -26.31 -29.41 13.60
CA THR B 269 -27.02 -29.79 12.39
C THR B 269 -26.09 -30.60 11.49
N VAL B 270 -26.65 -31.22 10.45
CA VAL B 270 -25.82 -32.00 9.56
C VAL B 270 -24.92 -31.08 8.73
N ASN B 271 -25.24 -29.79 8.64
CA ASN B 271 -24.36 -28.85 7.98
C ASN B 271 -23.18 -28.47 8.86
N ASP B 272 -23.42 -28.31 10.16
CA ASP B 272 -22.32 -28.06 11.09
C ASP B 272 -21.31 -29.20 11.08
N ILE B 273 -21.79 -30.45 10.99
CA ILE B 273 -20.90 -31.59 11.03
C ILE B 273 -20.13 -31.72 9.73
N GLN B 274 -20.75 -31.36 8.60
CA GLN B 274 -20.03 -31.35 7.32
C GLN B 274 -18.89 -30.35 7.34
N LYS B 275 -19.16 -29.12 7.83
CA LYS B 275 -18.09 -28.15 8.03
C LYS B 275 -17.04 -28.71 8.99
N LEU B 276 -17.47 -29.39 10.06
CA LEU B 276 -16.53 -29.92 11.03
C LEU B 276 -15.69 -31.04 10.43
N VAL B 277 -16.30 -31.92 9.63
CA VAL B 277 -15.55 -33.00 9.01
C VAL B 277 -14.53 -32.45 8.03
N GLY B 278 -14.91 -31.44 7.25
CA GLY B 278 -13.99 -30.85 6.30
C GLY B 278 -12.81 -30.16 6.99
N LYS B 279 -13.08 -29.43 8.06
CA LYS B 279 -12.01 -28.79 8.81
C LYS B 279 -11.09 -29.82 9.45
N LEU B 280 -11.65 -30.94 9.90
CA LEU B 280 -10.82 -32.00 10.50
C LEU B 280 -10.02 -32.74 9.44
N ASN B 281 -10.64 -33.02 8.29
CA ASN B 281 -9.93 -33.67 7.20
C ASN B 281 -8.72 -32.86 6.76
N TRP B 282 -8.86 -31.53 6.74
CA TRP B 282 -7.73 -30.68 6.39
C TRP B 282 -6.72 -30.60 7.54
N ALA B 283 -7.22 -30.61 8.79
CA ALA B 283 -6.32 -30.54 9.93
C ALA B 283 -5.49 -31.80 10.08
N SER B 284 -5.99 -32.94 9.57
CA SER B 284 -5.26 -34.19 9.65
C SER B 284 -3.96 -34.16 8.86
N GLN B 285 -3.83 -33.22 7.91
CA GLN B 285 -2.59 -33.08 7.17
C GLN B 285 -1.47 -32.48 8.02
N ILE B 286 -1.81 -31.81 9.11
CA ILE B 286 -0.84 -31.33 10.07
C ILE B 286 -0.74 -32.26 11.28
N TYR B 287 -1.88 -32.63 11.85
CA TYR B 287 -1.92 -33.50 13.01
C TYR B 287 -2.27 -34.92 12.56
N PRO B 288 -1.36 -35.88 12.64
CA PRO B 288 -1.66 -37.21 12.08
C PRO B 288 -2.68 -37.99 12.88
N GLY B 289 -2.82 -37.71 14.18
CA GLY B 289 -3.70 -38.47 15.02
C GLY B 289 -5.18 -38.15 14.93
N ILE B 290 -5.58 -37.26 14.02
CA ILE B 290 -6.97 -36.86 13.91
C ILE B 290 -7.73 -37.91 13.11
N LYS B 291 -8.85 -38.38 13.66
CA LYS B 291 -9.70 -39.37 13.02
C LYS B 291 -11.06 -38.76 12.72
N VAL B 292 -11.71 -39.28 11.67
CA VAL B 292 -12.98 -38.74 11.20
C VAL B 292 -14.10 -39.77 11.20
N ARG B 293 -13.77 -41.06 11.26
CA ARG B 293 -14.75 -42.13 10.99
C ARG B 293 -16.04 -41.95 11.78
N GLN B 294 -15.93 -41.69 13.07
CA GLN B 294 -17.12 -41.69 13.92
C GLN B 294 -18.03 -40.49 13.63
N LEU B 295 -17.47 -39.38 13.15
CA LEU B 295 -18.30 -38.22 12.87
C LEU B 295 -18.95 -38.31 11.50
N SER B 296 -18.21 -38.80 10.49
CA SER B 296 -18.79 -39.00 9.16
C SER B 296 -19.85 -40.09 9.15
N LYS B 297 -19.82 -41.01 10.12
CA LYS B 297 -20.87 -42.01 10.25
C LYS B 297 -22.22 -41.37 10.57
N LEU B 298 -22.22 -40.12 11.03
CA LEU B 298 -23.47 -39.41 11.28
C LEU B 298 -24.07 -38.79 10.02
N LEU B 299 -23.30 -38.75 8.92
CA LEU B 299 -23.77 -38.22 7.64
C LEU B 299 -23.96 -39.34 6.62
N ARG B 300 -24.51 -40.48 7.05
CA ARG B 300 -24.66 -41.61 6.14
C ARG B 300 -25.84 -41.43 5.20
N GLY B 301 -26.96 -40.94 5.71
CA GLY B 301 -28.13 -40.71 4.89
C GLY B 301 -27.98 -39.50 4.00
N THR B 302 -29.12 -39.05 3.45
CA THR B 302 -29.19 -37.85 2.62
C THR B 302 -30.29 -36.97 3.22
N LYS B 303 -29.94 -36.22 4.25
CA LYS B 303 -30.89 -35.41 5.01
C LYS B 303 -30.71 -33.93 4.67
N ALA B 304 -31.67 -33.13 5.10
CA ALA B 304 -31.63 -31.69 4.88
C ALA B 304 -30.50 -31.07 5.69
N LEU B 305 -29.85 -30.05 5.12
CA LEU B 305 -28.71 -29.42 5.77
C LEU B 305 -29.08 -28.76 7.08
N THR B 306 -30.35 -28.38 7.28
CA THR B 306 -30.77 -27.65 8.46
C THR B 306 -31.36 -28.55 9.54
N GLU B 307 -31.21 -29.86 9.42
CA GLU B 307 -31.80 -30.80 10.37
C GLU B 307 -30.82 -31.08 11.50
N VAL B 308 -31.32 -31.00 12.74
CA VAL B 308 -30.51 -31.27 13.91
C VAL B 308 -30.45 -32.76 14.15
N ILE B 309 -29.25 -33.30 14.34
CA ILE B 309 -29.05 -34.71 14.65
C ILE B 309 -28.27 -34.80 15.95
N PRO B 310 -28.68 -35.64 16.89
CA PRO B 310 -27.88 -35.83 18.11
C PRO B 310 -26.67 -36.71 17.84
N LEU B 311 -25.64 -36.52 18.67
CA LEU B 311 -24.37 -37.20 18.48
C LEU B 311 -24.33 -38.49 19.28
N THR B 312 -23.79 -39.54 18.67
CA THR B 312 -23.58 -40.79 19.37
C THR B 312 -22.47 -40.64 20.42
N GLU B 313 -22.48 -41.56 21.39
CA GLU B 313 -21.43 -41.55 22.41
C GLU B 313 -20.06 -41.83 21.80
N GLU B 314 -20.00 -42.51 20.65
CA GLU B 314 -18.74 -42.74 19.98
C GLU B 314 -18.26 -41.53 19.18
N ALA B 315 -19.18 -40.66 18.76
CA ALA B 315 -18.78 -39.45 18.04
C ALA B 315 -18.31 -38.36 18.99
N GLU B 316 -18.97 -38.22 20.14
CA GLU B 316 -18.53 -37.23 21.13
C GLU B 316 -17.14 -37.55 21.66
N LEU B 317 -16.83 -38.84 21.81
CA LEU B 317 -15.49 -39.23 22.23
C LEU B 317 -14.47 -38.84 21.19
N GLU B 318 -14.81 -38.97 19.90
CA GLU B 318 -13.87 -38.62 18.84
C GLU B 318 -13.65 -37.11 18.78
N LEU B 319 -14.72 -36.34 18.92
CA LEU B 319 -14.59 -34.88 18.96
C LEU B 319 -13.74 -34.44 20.13
N ALA B 320 -13.91 -35.07 21.29
CA ALA B 320 -13.09 -34.74 22.45
C ALA B 320 -11.63 -35.08 22.20
N GLU B 321 -11.36 -36.23 21.59
CA GLU B 321 -9.98 -36.62 21.32
C GLU B 321 -9.36 -35.73 20.26
N ASN B 322 -10.17 -35.13 19.38
CA ASN B 322 -9.63 -34.21 18.39
C ASN B 322 -9.32 -32.85 19.01
N ARG B 323 -10.20 -32.35 19.88
CA ARG B 323 -9.91 -31.13 20.61
C ARG B 323 -8.64 -31.27 21.44
N GLU B 324 -8.44 -32.44 22.04
CA GLU B 324 -7.25 -32.64 22.86
C GLU B 324 -5.98 -32.63 22.01
N ILE B 325 -6.05 -33.11 20.78
CA ILE B 325 -4.89 -33.10 19.90
C ILE B 325 -4.56 -31.68 19.48
N LEU B 326 -5.58 -30.88 19.19
CA LEU B 326 -5.39 -29.53 18.69
C LEU B 326 -4.94 -28.53 19.75
N LYS B 327 -4.91 -28.93 21.03
CA LYS B 327 -4.45 -28.03 22.08
C LYS B 327 -2.97 -27.70 21.90
N GLU B 328 -2.15 -28.72 21.66
CA GLU B 328 -0.71 -28.51 21.57
C GLU B 328 -0.26 -28.48 20.13
N PRO B 329 0.74 -27.66 19.80
CA PRO B 329 1.28 -27.65 18.44
C PRO B 329 1.94 -28.97 18.09
N VAL B 330 2.15 -29.18 16.79
CA VAL B 330 2.76 -30.41 16.32
C VAL B 330 4.19 -30.51 16.82
N HIS B 331 4.57 -31.69 17.29
CA HIS B 331 5.93 -31.96 17.71
C HIS B 331 6.76 -32.43 16.53
N GLY B 332 8.09 -32.39 16.71
CA GLY B 332 9.00 -32.83 15.67
C GLY B 332 9.26 -31.83 14.58
N VAL B 333 9.04 -30.54 14.83
CA VAL B 333 9.32 -29.49 13.87
C VAL B 333 10.35 -28.55 14.50
N TYR B 334 11.56 -28.54 13.94
CA TYR B 334 12.64 -27.71 14.44
C TYR B 334 13.04 -26.69 13.38
N TYR B 335 13.59 -25.56 13.85
CA TYR B 335 14.04 -24.52 12.93
C TYR B 335 15.32 -24.95 12.22
N ASP B 336 15.35 -24.76 10.91
CA ASP B 336 16.50 -25.10 10.08
C ASP B 336 17.14 -23.82 9.55
N PRO B 337 18.28 -23.39 10.09
CA PRO B 337 18.89 -22.13 9.64
C PRO B 337 19.33 -22.16 8.19
N SER B 338 19.54 -23.34 7.60
CA SER B 338 19.93 -23.45 6.20
C SER B 338 18.77 -23.20 5.25
N LYS B 339 17.54 -23.07 5.75
CA LYS B 339 16.37 -22.86 4.92
C LYS B 339 15.77 -21.48 5.18
N ASP B 340 14.96 -21.03 4.23
CA ASP B 340 14.32 -19.73 4.34
C ASP B 340 12.96 -19.84 5.01
N LEU B 341 12.50 -18.73 5.57
CA LEU B 341 11.23 -18.65 6.27
C LEU B 341 10.13 -18.15 5.33
N ILE B 342 8.95 -18.75 5.43
CA ILE B 342 7.80 -18.36 4.65
C ILE B 342 6.68 -17.97 5.62
N ALA B 343 6.01 -16.87 5.32
CA ALA B 343 4.93 -16.35 6.15
C ALA B 343 3.65 -16.24 5.32
N GLU B 344 2.60 -16.91 5.75
CA GLU B 344 1.30 -16.83 5.12
C GLU B 344 0.34 -16.07 6.02
N ILE B 345 -0.44 -15.17 5.42
CA ILE B 345 -1.38 -14.33 6.14
C ILE B 345 -2.76 -14.53 5.53
N GLN B 346 -3.78 -14.61 6.39
CA GLN B 346 -5.17 -14.70 5.97
C GLN B 346 -5.98 -13.59 6.63
N LYS B 347 -6.98 -13.10 5.91
CA LYS B 347 -7.89 -12.09 6.40
C LYS B 347 -9.16 -12.78 6.93
N GLN B 348 -9.46 -12.57 8.21
CA GLN B 348 -10.61 -13.20 8.84
C GLN B 348 -11.80 -12.28 9.00
N GLY B 349 -11.63 -10.97 8.78
CA GLY B 349 -12.71 -10.03 8.89
C GLY B 349 -12.84 -9.45 10.29
N GLN B 350 -13.48 -8.28 10.35
CA GLN B 350 -13.66 -7.53 11.61
C GLN B 350 -12.33 -7.28 12.29
N GLY B 351 -11.31 -6.93 11.50
CA GLY B 351 -9.99 -6.61 12.02
C GLY B 351 -9.14 -7.79 12.41
N GLN B 352 -9.59 -9.02 12.17
CA GLN B 352 -8.85 -10.21 12.57
C GLN B 352 -7.96 -10.67 11.41
N TRP B 353 -6.70 -10.96 11.74
CA TRP B 353 -5.75 -11.50 10.77
C TRP B 353 -5.01 -12.65 11.41
N THR B 354 -4.91 -13.78 10.70
CA THR B 354 -4.19 -14.95 11.18
C THR B 354 -2.99 -15.20 10.27
N TYR B 355 -1.92 -15.75 10.85
CA TYR B 355 -0.70 -15.98 10.11
C TYR B 355 0.02 -17.22 10.63
N GLN B 356 0.82 -17.83 9.76
CA GLN B 356 1.61 -19.01 10.09
C GLN B 356 2.98 -18.90 9.44
N ILE B 357 4.02 -19.17 10.22
CA ILE B 357 5.41 -19.13 9.74
C ILE B 357 5.90 -20.56 9.63
N TYR B 358 6.48 -20.90 8.47
CA TYR B 358 6.92 -22.26 8.23
C TYR B 358 8.05 -22.27 7.22
N GLN B 359 8.89 -23.29 7.30
CA GLN B 359 9.92 -23.57 6.31
C GLN B 359 9.50 -24.66 5.33
N GLU B 360 8.85 -25.71 5.83
CA GLU B 360 8.28 -26.78 5.01
C GLU B 360 6.77 -26.79 5.16
N PRO B 361 6.04 -27.23 4.13
CA PRO B 361 4.58 -27.24 4.21
C PRO B 361 4.08 -28.11 5.36
N PHE B 362 3.02 -27.62 6.02
CA PHE B 362 2.32 -28.30 7.10
C PHE B 362 3.18 -28.48 8.35
N LYS B 363 4.33 -27.83 8.41
CA LYS B 363 5.22 -27.92 9.56
C LYS B 363 5.46 -26.50 10.10
N ASN B 364 4.40 -25.88 10.61
CA ASN B 364 4.48 -24.50 11.07
C ASN B 364 5.34 -24.41 12.33
N LEU B 365 6.22 -23.40 12.36
CA LEU B 365 6.97 -23.08 13.57
C LEU B 365 6.21 -22.14 14.50
N LYS B 366 5.24 -21.41 13.99
CA LYS B 366 4.44 -20.50 14.80
C LYS B 366 3.12 -20.23 14.09
N THR B 367 2.04 -20.20 14.85
CA THR B 367 0.74 -19.78 14.37
C THR B 367 0.23 -18.68 15.29
N GLY B 368 -0.14 -17.54 14.72
CA GLY B 368 -0.53 -16.39 15.51
C GLY B 368 -1.79 -15.73 14.96
N LYS B 369 -2.17 -14.64 15.62
CA LYS B 369 -3.35 -13.88 15.25
C LYS B 369 -3.16 -12.44 15.69
N TYR B 370 -3.64 -11.51 14.87
CA TYR B 370 -3.62 -10.08 15.18
C TYR B 370 -5.03 -9.53 15.16
N ALA B 371 -5.25 -8.46 15.91
CA ALA B 371 -6.55 -7.80 15.96
C ALA B 371 -6.36 -6.40 16.50
N ARG B 372 -7.36 -5.55 16.26
CA ARG B 372 -7.37 -4.16 16.73
C ARG B 372 -6.12 -3.41 16.27
N MET B 373 -5.93 -3.40 14.95
CA MET B 373 -4.80 -2.72 14.34
C MET B 373 -5.24 -1.41 13.69
N ARG B 374 -4.27 -0.63 13.26
CA ARG B 374 -4.57 0.64 12.59
C ARG B 374 -5.43 0.39 11.36
N GLY B 375 -6.47 1.19 11.21
CA GLY B 375 -7.36 1.02 10.08
C GLY B 375 -8.26 -0.19 10.18
N ALA B 376 -8.48 -0.71 11.39
CA ALA B 376 -9.36 -1.87 11.55
C ALA B 376 -10.78 -1.60 11.06
N HIS B 377 -11.21 -0.34 11.04
CA HIS B 377 -12.57 0.01 10.63
C HIS B 377 -12.63 0.62 9.24
N THR B 378 -11.49 0.87 8.59
CA THR B 378 -11.50 1.67 7.37
C THR B 378 -10.55 1.20 6.27
N ASN B 379 -9.42 0.58 6.59
CA ASN B 379 -8.36 0.38 5.60
C ASN B 379 -7.76 -1.01 5.77
N ASP B 380 -8.03 -1.90 4.81
CA ASP B 380 -7.41 -3.22 4.85
C ASP B 380 -5.92 -3.17 4.56
N VAL B 381 -5.49 -2.23 3.71
CA VAL B 381 -4.07 -2.15 3.36
C VAL B 381 -3.26 -1.64 4.55
N LYS B 382 -3.80 -0.68 5.30
CA LYS B 382 -3.10 -0.19 6.48
C LYS B 382 -2.99 -1.29 7.53
N GLN B 383 -3.99 -2.18 7.61
CA GLN B 383 -3.89 -3.31 8.52
C GLN B 383 -2.82 -4.30 8.05
N LEU B 384 -2.80 -4.61 6.76
CA LEU B 384 -1.89 -5.65 6.26
C LEU B 384 -0.44 -5.22 6.38
N THR B 385 -0.13 -3.94 6.11
CA THR B 385 1.24 -3.48 6.25
C THR B 385 1.70 -3.51 7.70
N GLU B 386 0.79 -3.18 8.63
CA GLU B 386 1.14 -3.27 10.04
C GLU B 386 1.40 -4.71 10.45
N ALA B 387 0.59 -5.64 9.94
CA ALA B 387 0.78 -7.05 10.27
C ALA B 387 2.08 -7.58 9.68
N VAL B 388 2.42 -7.16 8.47
CA VAL B 388 3.65 -7.63 7.83
C VAL B 388 4.87 -7.17 8.64
N GLN B 389 4.86 -5.91 9.09
CA GLN B 389 5.96 -5.44 9.93
C GLN B 389 5.98 -6.12 11.28
N LYS B 390 4.80 -6.45 11.83
CA LYS B 390 4.74 -7.15 13.10
C LYS B 390 5.33 -8.55 12.98
N ILE B 391 4.94 -9.28 11.93
CA ILE B 391 5.43 -10.64 11.74
C ILE B 391 6.94 -10.62 11.50
N THR B 392 7.41 -9.65 10.72
CA THR B 392 8.84 -9.57 10.43
C THR B 392 9.65 -9.28 11.69
N THR B 393 9.18 -8.35 12.52
CA THR B 393 9.86 -8.05 13.77
C THR B 393 9.89 -9.28 14.68
N GLU B 394 8.80 -10.05 14.71
CA GLU B 394 8.77 -11.27 15.50
C GLU B 394 9.77 -12.30 14.99
N SER B 395 9.87 -12.44 13.66
CA SER B 395 10.80 -13.42 13.10
C SER B 395 12.24 -13.00 13.29
N ILE B 396 12.50 -11.70 13.42
CA ILE B 396 13.86 -11.24 13.69
C ILE B 396 14.27 -11.56 15.12
N VAL B 397 13.32 -11.54 16.06
CA VAL B 397 13.64 -11.81 17.45
C VAL B 397 13.76 -13.30 17.71
N ILE B 398 12.93 -14.12 17.05
CA ILE B 398 12.88 -15.54 17.34
C ILE B 398 13.95 -16.32 16.57
N TRP B 399 14.17 -15.98 15.30
CA TRP B 399 15.10 -16.73 14.45
C TRP B 399 16.19 -15.89 13.81
N GLY B 400 16.07 -14.56 13.79
CA GLY B 400 17.07 -13.73 13.15
C GLY B 400 16.97 -13.66 11.64
N LYS B 401 15.83 -14.02 11.07
CA LYS B 401 15.61 -13.97 9.64
C LYS B 401 14.33 -13.20 9.33
N THR B 402 14.24 -12.69 8.11
CA THR B 402 12.99 -12.12 7.63
C THR B 402 12.28 -13.12 6.74
N PRO B 403 11.00 -13.41 6.96
CA PRO B 403 10.32 -14.41 6.14
C PRO B 403 9.90 -13.83 4.79
N LYS B 404 9.66 -14.76 3.86
CA LYS B 404 9.09 -14.41 2.56
C LYS B 404 7.56 -14.51 2.67
N PHE B 405 6.88 -13.43 2.32
CA PHE B 405 5.45 -13.32 2.60
C PHE B 405 4.61 -13.76 1.41
N LYS B 406 3.47 -14.37 1.72
CA LYS B 406 2.43 -14.71 0.75
C LYS B 406 1.22 -13.85 1.10
N LEU B 407 1.15 -12.66 0.49
CA LEU B 407 0.17 -11.65 0.87
C LEU B 407 -1.16 -11.87 0.15
N PRO B 408 -2.28 -11.91 0.88
CA PRO B 408 -3.61 -12.07 0.27
C PRO B 408 -4.16 -10.75 -0.27
N ILE B 409 -3.60 -10.31 -1.39
CA ILE B 409 -3.98 -9.04 -1.99
C ILE B 409 -3.53 -9.05 -3.45
N GLN B 410 -4.29 -8.38 -4.30
CA GLN B 410 -3.89 -8.26 -5.70
C GLN B 410 -2.60 -7.45 -5.80
N LYS B 411 -1.76 -7.81 -6.78
CA LYS B 411 -0.44 -7.21 -6.89
C LYS B 411 -0.53 -5.69 -7.06
N GLU B 412 -1.40 -5.23 -7.96
CA GLU B 412 -1.49 -3.79 -8.23
C GLU B 412 -2.06 -3.03 -7.04
N THR B 413 -2.96 -3.65 -6.27
CA THR B 413 -3.51 -2.99 -5.09
C THR B 413 -2.43 -2.72 -4.05
N TRP B 414 -1.58 -3.71 -3.78
CA TRP B 414 -0.56 -3.57 -2.76
C TRP B 414 0.49 -2.55 -3.16
N GLU B 415 1.04 -2.66 -4.37
CA GLU B 415 2.12 -1.77 -4.80
C GLU B 415 1.68 -0.33 -4.90
N THR B 416 0.37 -0.08 -4.99
CA THR B 416 -0.12 1.30 -5.07
C THR B 416 -0.02 2.03 -3.73
N TRP B 417 -0.18 1.32 -2.60
CA TRP B 417 -0.45 1.96 -1.33
C TRP B 417 0.52 1.64 -0.20
N TRP B 418 1.33 0.60 -0.31
CA TRP B 418 2.03 0.10 0.88
C TRP B 418 3.10 1.08 1.38
N THR B 419 3.71 1.86 0.50
CA THR B 419 4.75 2.78 0.94
C THR B 419 4.22 3.87 1.87
N GLU B 420 2.91 4.15 1.83
CA GLU B 420 2.35 5.20 2.67
C GLU B 420 2.22 4.79 4.12
N TYR B 421 2.36 3.51 4.44
CA TYR B 421 2.19 3.03 5.81
C TYR B 421 3.44 2.34 6.35
N TRP B 422 4.53 2.35 5.60
CA TRP B 422 5.75 1.66 6.01
C TRP B 422 6.53 2.50 7.00
N GLN B 423 7.13 1.82 7.98
CA GLN B 423 7.91 2.49 9.02
C GLN B 423 9.27 1.87 9.29
N ALA B 424 9.52 0.65 8.86
CA ALA B 424 10.79 -0.02 9.13
C ALA B 424 11.86 0.37 8.12
N THR B 425 13.11 0.25 8.55
CA THR B 425 14.25 0.50 7.66
C THR B 425 14.54 -0.65 6.73
N TRP B 426 13.90 -1.80 6.92
CA TRP B 426 14.04 -2.95 6.04
C TRP B 426 12.74 -3.19 5.28
N ILE B 427 12.84 -3.97 4.21
CA ILE B 427 11.68 -4.39 3.44
C ILE B 427 11.81 -5.88 3.16
N PRO B 428 10.87 -6.71 3.61
CA PRO B 428 10.98 -8.15 3.35
C PRO B 428 10.54 -8.50 1.94
N GLU B 429 10.92 -9.71 1.52
CA GLU B 429 10.47 -10.24 0.25
C GLU B 429 9.04 -10.77 0.38
N TRP B 430 8.28 -10.66 -0.71
CA TRP B 430 6.89 -11.10 -0.67
C TRP B 430 6.42 -11.52 -2.05
N GLU B 431 5.42 -12.39 -2.08
CA GLU B 431 4.68 -12.74 -3.27
C GLU B 431 3.19 -12.63 -2.97
N PHE B 432 2.38 -12.76 -4.00
CA PHE B 432 0.94 -12.54 -3.89
C PHE B 432 0.17 -13.81 -4.20
N VAL B 433 -0.90 -14.04 -3.45
CA VAL B 433 -1.71 -15.24 -3.56
C VAL B 433 -3.17 -14.86 -3.67
N ASN B 434 -3.99 -15.82 -4.13
CA ASN B 434 -5.44 -15.68 -4.21
C ASN B 434 -6.04 -17.04 -3.87
N THR B 435 -6.06 -17.37 -2.57
CA THR B 435 -6.56 -18.65 -2.09
C THR B 435 -7.86 -18.43 -1.33
N PRO B 436 -9.01 -18.62 -1.97
CA PRO B 436 -10.27 -18.45 -1.25
C PRO B 436 -10.39 -19.44 -0.13
N PRO B 437 -11.09 -19.08 0.95
CA PRO B 437 -11.20 -19.99 2.10
C PRO B 437 -12.22 -21.10 1.89
N LEU B 438 -11.74 -22.31 1.60
CA LEU B 438 -12.64 -23.46 1.55
C LEU B 438 -13.18 -23.77 2.94
N VAL B 439 -12.29 -23.88 3.92
CA VAL B 439 -12.66 -24.00 5.33
C VAL B 439 -11.91 -22.92 6.10
N LYS B 440 -12.49 -22.55 7.25
CA LYS B 440 -11.86 -21.58 8.15
C LYS B 440 -11.09 -22.35 9.21
N LEU B 441 -9.86 -22.71 8.87
CA LEU B 441 -9.05 -23.54 9.76
C LEU B 441 -8.48 -22.74 10.91
N TRP B 442 -7.77 -21.66 10.61
CA TRP B 442 -7.01 -20.94 11.62
C TRP B 442 -7.85 -19.98 12.46
N TYR B 443 -9.16 -19.91 12.21
CA TYR B 443 -10.02 -19.00 12.97
C TYR B 443 -11.45 -19.50 12.89
N GLN B 444 -12.02 -19.86 14.04
CA GLN B 444 -13.40 -20.32 14.10
C GLN B 444 -14.29 -19.32 14.83
N GLY C 3 -9.47 28.42 23.92
CA GLY C 3 -8.94 27.89 22.66
C GLY C 3 -10.01 27.39 21.72
N GLY C 4 -10.00 27.91 20.50
CA GLY C 4 -10.98 27.51 19.50
C GLY C 4 -10.57 26.35 18.63
N SER C 5 -9.33 25.89 18.73
CA SER C 5 -8.85 24.74 17.97
C SER C 5 -9.17 23.41 18.64
N ASP C 6 -9.87 23.43 19.77
CA ASP C 6 -10.23 22.19 20.46
C ASP C 6 -11.31 21.45 19.70
N ILE C 7 -11.26 20.12 19.76
CA ILE C 7 -12.22 19.27 19.07
C ILE C 7 -13.50 19.19 19.88
N GLN C 8 -14.64 19.23 19.20
CA GLN C 8 -15.94 19.27 19.85
C GLN C 8 -16.66 17.93 19.64
N MET C 9 -17.07 17.31 20.75
CA MET C 9 -17.81 16.05 20.73
C MET C 9 -19.27 16.34 21.04
N THR C 10 -20.15 16.04 20.09
CA THR C 10 -21.58 16.31 20.22
C THR C 10 -22.34 14.99 20.24
N GLN C 11 -23.06 14.74 21.32
CA GLN C 11 -23.85 13.53 21.46
C GLN C 11 -25.32 13.79 21.14
N SER C 12 -26.03 12.73 20.80
CA SER C 12 -27.43 12.81 20.46
C SER C 12 -28.10 11.47 20.71
N PRO C 13 -29.21 11.44 21.47
CA PRO C 13 -29.80 12.62 22.10
C PRO C 13 -29.17 12.93 23.45
N SER C 14 -29.59 14.02 24.08
CA SER C 14 -29.11 14.35 25.41
C SER C 14 -29.76 13.50 26.49
N SER C 15 -30.88 12.86 26.18
CA SER C 15 -31.54 11.93 27.08
C SER C 15 -32.55 11.12 26.29
N LEU C 16 -32.81 9.90 26.76
CA LEU C 16 -33.81 9.05 26.13
C LEU C 16 -34.37 8.09 27.17
N SER C 17 -35.59 7.61 26.91
CA SER C 17 -36.27 6.69 27.79
C SER C 17 -36.51 5.38 27.05
N ALA C 18 -36.23 4.27 27.71
CA ALA C 18 -36.47 2.95 27.14
C ALA C 18 -36.74 1.96 28.27
N SER C 19 -37.41 0.87 27.92
CA SER C 19 -37.71 -0.18 28.89
C SER C 19 -36.77 -1.36 28.69
N VAL C 20 -36.77 -2.26 29.68
CA VAL C 20 -35.86 -3.40 29.66
C VAL C 20 -36.13 -4.25 28.43
N GLY C 21 -35.06 -4.63 27.73
CA GLY C 21 -35.16 -5.39 26.50
C GLY C 21 -35.11 -4.56 25.23
N ASP C 22 -35.24 -3.24 25.34
CA ASP C 22 -35.23 -2.38 24.17
C ASP C 22 -33.84 -2.28 23.58
N ARG C 23 -33.78 -1.80 22.33
CA ARG C 23 -32.53 -1.54 21.63
C ARG C 23 -32.29 -0.03 21.64
N VAL C 24 -31.15 0.38 22.17
CA VAL C 24 -30.81 1.79 22.34
C VAL C 24 -29.60 2.11 21.49
N THR C 25 -29.69 3.20 20.73
CA THR C 25 -28.57 3.73 19.95
C THR C 25 -28.24 5.13 20.44
N ILE C 26 -26.94 5.41 20.58
CA ILE C 26 -26.46 6.70 21.05
C ILE C 26 -25.32 7.13 20.13
N THR C 27 -25.48 8.26 19.46
CA THR C 27 -24.50 8.76 18.51
C THR C 27 -23.68 9.89 19.12
N CYS C 28 -22.50 10.10 18.56
CA CYS C 28 -21.58 11.14 19.02
C CYS C 28 -20.73 11.54 17.82
N ARG C 29 -20.89 12.76 17.35
CA ARG C 29 -20.23 13.26 16.14
C ARG C 29 -19.09 14.20 16.51
N ALA C 30 -17.95 14.01 15.87
CA ALA C 30 -16.75 14.80 16.15
C ALA C 30 -16.63 15.96 15.15
N SER C 31 -16.23 17.13 15.65
CA SER C 31 -16.14 18.32 14.82
C SER C 31 -15.01 18.26 13.80
N GLN C 32 -14.14 17.26 13.87
CA GLN C 32 -13.11 17.04 12.86
C GLN C 32 -12.72 15.57 12.90
N ASP C 33 -11.97 15.14 11.89
CA ASP C 33 -11.56 13.76 11.77
C ASP C 33 -10.66 13.36 12.93
N ILE C 34 -11.11 12.39 13.73
CA ILE C 34 -10.33 11.87 14.84
C ILE C 34 -9.98 10.40 14.63
N SER C 35 -10.07 9.93 13.39
CA SER C 35 -9.79 8.53 13.02
C SER C 35 -10.74 7.66 13.82
N SER C 36 -10.26 6.56 14.41
CA SER C 36 -11.09 5.68 15.22
C SER C 36 -10.79 5.80 16.71
N TYR C 37 -10.19 6.90 17.14
CA TYR C 37 -9.65 7.02 18.49
C TYR C 37 -10.70 7.63 19.42
N LEU C 38 -11.68 6.79 19.79
CA LEU C 38 -12.77 7.21 20.66
C LEU C 38 -12.98 6.17 21.75
N ASN C 39 -13.27 6.65 22.96
CA ASN C 39 -13.59 5.80 24.09
C ASN C 39 -14.98 6.17 24.62
N TRP C 40 -15.75 5.15 25.00
CA TRP C 40 -17.05 5.35 25.63
C TRP C 40 -16.94 5.04 27.12
N TYR C 41 -17.73 5.76 27.91
CA TYR C 41 -17.73 5.61 29.36
C TYR C 41 -19.16 5.51 29.87
N GLN C 42 -19.34 4.76 30.94
CA GLN C 42 -20.63 4.58 31.58
C GLN C 42 -20.53 5.08 33.00
N GLN C 43 -21.49 5.92 33.41
CA GLN C 43 -21.51 6.48 34.76
C GLN C 43 -22.91 6.27 35.34
N LYS C 44 -23.06 5.25 36.17
CA LYS C 44 -24.30 5.03 36.89
C LYS C 44 -24.47 6.12 37.94
N PRO C 45 -25.70 6.41 38.35
CA PRO C 45 -25.93 7.51 39.31
C PRO C 45 -25.16 7.30 40.60
N GLY C 46 -24.44 8.35 41.02
CA GLY C 46 -23.72 8.34 42.27
C GLY C 46 -22.39 7.62 42.25
N LYS C 47 -22.01 7.01 41.14
CA LYS C 47 -20.78 6.23 41.05
C LYS C 47 -19.78 6.92 40.13
N ALA C 48 -18.55 6.40 40.15
CA ALA C 48 -17.51 6.92 39.27
C ALA C 48 -17.66 6.35 37.86
N PRO C 49 -17.17 7.06 36.85
CA PRO C 49 -17.28 6.56 35.48
C PRO C 49 -16.52 5.26 35.29
N LYS C 50 -17.06 4.42 34.40
CA LYS C 50 -16.45 3.14 34.04
C LYS C 50 -16.14 3.15 32.55
N LEU C 51 -14.93 2.70 32.20
CA LEU C 51 -14.56 2.56 30.79
C LEU C 51 -15.35 1.42 30.17
N LEU C 52 -16.23 1.75 29.22
CA LEU C 52 -17.10 0.78 28.58
C LEU C 52 -16.53 0.27 27.26
N ILE C 53 -16.11 1.16 26.38
CA ILE C 53 -15.55 0.79 25.07
C ILE C 53 -14.34 1.67 24.80
N TYR C 54 -13.28 1.07 24.26
CA TYR C 54 -12.09 1.80 23.86
C TYR C 54 -11.79 1.52 22.39
N TYR C 55 -11.14 2.49 21.74
CA TYR C 55 -10.81 2.42 20.32
C TYR C 55 -12.04 2.05 19.48
N THR C 56 -13.07 2.90 19.60
CA THR C 56 -14.30 2.82 18.81
C THR C 56 -15.12 1.56 19.07
N SER C 57 -14.52 0.38 18.98
CA SER C 57 -15.29 -0.86 18.94
C SER C 57 -14.85 -1.94 19.92
N SER C 58 -13.76 -1.73 20.66
CA SER C 58 -13.24 -2.77 21.55
C SER C 58 -13.92 -2.69 22.91
N LEU C 59 -14.52 -3.80 23.34
CA LEU C 59 -15.18 -3.86 24.64
C LEU C 59 -14.16 -4.02 25.75
N HIS C 60 -14.32 -3.22 26.81
CA HIS C 60 -13.46 -3.34 27.97
C HIS C 60 -13.75 -4.65 28.70
N SER C 61 -12.75 -5.14 29.44
CA SER C 61 -12.90 -6.40 30.14
C SER C 61 -14.07 -6.33 31.13
N GLY C 62 -14.95 -7.33 31.06
CA GLY C 62 -16.11 -7.40 31.91
C GLY C 62 -17.38 -6.84 31.31
N VAL C 63 -17.34 -6.35 30.07
CA VAL C 63 -18.50 -5.71 29.46
C VAL C 63 -19.29 -6.76 28.68
N PRO C 64 -20.60 -6.88 28.93
CA PRO C 64 -21.40 -7.90 28.25
C PRO C 64 -21.49 -7.64 26.75
N SER C 65 -21.96 -8.66 26.03
CA SER C 65 -21.95 -8.67 24.57
C SER C 65 -23.03 -7.80 23.95
N ARG C 66 -23.92 -7.21 24.74
CA ARG C 66 -24.95 -6.34 24.18
C ARG C 66 -24.40 -4.98 23.76
N PHE C 67 -23.27 -4.55 24.32
CA PHE C 67 -22.68 -3.26 23.98
C PHE C 67 -21.83 -3.38 22.72
N SER C 68 -21.97 -2.41 21.83
CA SER C 68 -21.25 -2.39 20.56
C SER C 68 -20.87 -0.96 20.22
N GLY C 69 -19.74 -0.81 19.55
CA GLY C 69 -19.30 0.51 19.08
C GLY C 69 -18.92 0.46 17.62
N SER C 70 -19.36 1.48 16.88
CA SER C 70 -19.10 1.56 15.45
C SER C 70 -18.79 2.99 15.06
N ARG C 71 -18.24 3.15 13.85
CA ARG C 71 -17.78 4.44 13.36
C ARG C 71 -18.04 4.53 11.86
N SER C 72 -18.57 5.69 11.42
CA SER C 72 -18.78 5.98 10.00
C SER C 72 -18.20 7.38 9.74
N GLY C 73 -16.89 7.44 9.52
CA GLY C 73 -16.22 8.71 9.32
C GLY C 73 -16.02 9.46 10.63
N THR C 74 -16.89 10.43 10.90
CA THR C 74 -16.90 11.14 12.17
C THR C 74 -18.17 10.89 12.96
N ASP C 75 -18.97 9.90 12.56
CA ASP C 75 -20.23 9.58 13.22
C ASP C 75 -20.06 8.28 13.99
N PHE C 76 -19.83 8.39 15.29
CA PHE C 76 -19.62 7.23 16.15
C PHE C 76 -20.94 6.82 16.79
N THR C 77 -21.11 5.52 16.99
CA THR C 77 -22.38 4.97 17.46
C THR C 77 -22.13 3.94 18.56
N LEU C 78 -22.76 4.13 19.71
CA LEU C 78 -22.83 3.14 20.78
C LEU C 78 -24.22 2.55 20.80
N THR C 79 -24.31 1.22 20.75
CA THR C 79 -25.60 0.53 20.73
C THR C 79 -25.68 -0.46 21.88
N ILE C 80 -26.90 -0.66 22.38
CA ILE C 80 -27.20 -1.63 23.42
C ILE C 80 -28.32 -2.52 22.90
N SER C 81 -28.01 -3.78 22.60
CA SER C 81 -28.97 -4.63 21.90
C SER C 81 -30.16 -4.99 22.78
N SER C 82 -29.90 -5.33 24.04
CA SER C 82 -30.96 -5.74 24.99
C SER C 82 -30.75 -4.97 26.28
N LEU C 83 -31.43 -3.85 26.42
CA LEU C 83 -31.25 -2.98 27.59
C LEU C 83 -31.58 -3.73 28.87
N GLN C 84 -30.73 -3.58 29.87
CA GLN C 84 -30.86 -4.26 31.16
C GLN C 84 -30.95 -3.22 32.27
N PRO C 85 -31.58 -3.57 33.40
CA PRO C 85 -31.64 -2.63 34.53
C PRO C 85 -30.29 -2.08 34.93
N GLU C 86 -29.21 -2.85 34.76
CA GLU C 86 -27.88 -2.38 35.07
C GLU C 86 -27.40 -1.31 34.09
N ASP C 87 -28.07 -1.17 32.95
CA ASP C 87 -27.59 -0.32 31.87
C ASP C 87 -28.12 1.11 31.95
N PHE C 88 -29.05 1.39 32.86
CA PHE C 88 -29.60 2.74 32.98
C PHE C 88 -28.56 3.63 33.65
N ALA C 89 -27.82 4.37 32.83
CA ALA C 89 -26.77 5.25 33.32
C ALA C 89 -26.63 6.40 32.33
N THR C 90 -25.57 7.20 32.49
CA THR C 90 -25.23 8.27 31.58
C THR C 90 -23.96 7.88 30.83
N TYR C 91 -23.97 8.03 29.51
CA TYR C 91 -22.88 7.59 28.64
C TYR C 91 -22.18 8.79 28.05
N TYR C 92 -20.85 8.80 28.12
CA TYR C 92 -20.03 9.88 27.61
C TYR C 92 -19.05 9.34 26.57
N CYS C 93 -18.98 9.98 25.41
CA CYS C 93 -17.92 9.71 24.46
C CYS C 93 -16.73 10.62 24.75
N GLN C 94 -15.53 10.14 24.42
CA GLN C 94 -14.32 10.89 24.67
C GLN C 94 -13.34 10.62 23.56
N GLN C 95 -12.80 11.70 22.98
CA GLN C 95 -11.77 11.59 21.96
C GLN C 95 -10.39 11.72 22.59
N TYR C 96 -9.39 11.12 21.92
CA TYR C 96 -8.01 11.30 22.34
C TYR C 96 -7.08 11.40 21.13
N SER C 97 -7.62 11.72 19.95
CA SER C 97 -6.80 11.92 18.77
C SER C 97 -5.84 13.08 18.95
N LYS C 98 -6.27 14.13 19.66
CA LYS C 98 -5.44 15.28 19.92
C LYS C 98 -5.67 15.76 21.34
N PHE C 99 -4.63 16.32 21.94
CA PHE C 99 -4.80 17.08 23.16
C PHE C 99 -5.21 18.51 22.83
N PRO C 100 -6.07 19.14 23.64
CA PRO C 100 -6.68 18.59 24.87
C PRO C 100 -7.80 17.57 24.59
N TRP C 101 -7.90 16.56 25.44
CA TRP C 101 -9.00 15.60 25.34
C TRP C 101 -10.32 16.30 25.66
N THR C 102 -11.39 15.81 25.05
CA THR C 102 -12.71 16.39 25.22
C THR C 102 -13.76 15.29 25.34
N PHE C 103 -14.78 15.56 26.16
CA PHE C 103 -15.92 14.66 26.35
C PHE C 103 -17.15 15.20 25.64
N GLY C 104 -18.07 14.29 25.33
CA GLY C 104 -19.39 14.68 24.90
C GLY C 104 -20.20 15.20 26.07
N GLN C 105 -21.33 15.84 25.76
CA GLN C 105 -22.14 16.41 26.83
C GLN C 105 -22.86 15.34 27.64
N GLY C 106 -22.89 14.10 27.18
CA GLY C 106 -23.50 13.02 27.92
C GLY C 106 -24.88 12.67 27.39
N THR C 107 -25.21 11.39 27.48
CA THR C 107 -26.53 10.89 27.11
C THR C 107 -27.09 10.08 28.28
N LYS C 108 -28.20 10.54 28.84
CA LYS C 108 -28.82 9.87 29.98
C LYS C 108 -29.88 8.90 29.48
N VAL C 109 -29.77 7.65 29.91
CA VAL C 109 -30.73 6.60 29.57
C VAL C 109 -31.58 6.35 30.80
N GLU C 110 -32.86 6.72 30.71
CA GLU C 110 -33.81 6.60 31.81
C GLU C 110 -34.81 5.48 31.53
N ILE C 111 -35.60 5.16 32.56
CA ILE C 111 -36.60 4.10 32.49
C ILE C 111 -37.98 4.74 32.42
N LYS C 112 -38.81 4.25 31.50
CA LYS C 112 -40.18 4.73 31.34
C LYS C 112 -40.96 3.80 30.41
N MET D 1 -1.99 -7.07 44.91
CA MET D 1 -2.64 -5.78 44.99
C MET D 1 -3.35 -5.44 43.68
N GLU D 2 -4.58 -4.93 43.80
CA GLU D 2 -5.33 -4.45 42.65
C GLU D 2 -5.05 -2.97 42.44
N VAL D 3 -5.32 -2.50 41.22
CA VAL D 3 -5.10 -1.10 40.89
C VAL D 3 -6.12 -0.25 41.63
N GLN D 4 -5.64 0.74 42.37
CA GLN D 4 -6.48 1.61 43.18
C GLN D 4 -5.99 3.04 43.09
N LEU D 5 -6.93 3.98 43.01
CA LEU D 5 -6.63 5.41 43.00
C LEU D 5 -7.56 6.11 43.97
N VAL D 6 -6.98 6.81 44.94
CA VAL D 6 -7.74 7.43 46.03
C VAL D 6 -7.39 8.92 46.08
N GLU D 7 -8.35 9.77 45.74
CA GLU D 7 -8.15 11.20 45.81
C GLU D 7 -8.33 11.70 47.24
N SER D 8 -7.69 12.83 47.54
CA SER D 8 -7.75 13.41 48.87
C SER D 8 -7.35 14.87 48.78
N GLY D 9 -7.88 15.67 49.71
CA GLY D 9 -7.50 17.06 49.84
C GLY D 9 -8.60 18.06 49.54
N GLY D 10 -9.79 17.59 49.16
CA GLY D 10 -10.88 18.49 48.84
C GLY D 10 -11.38 19.25 50.06
N GLY D 11 -12.40 20.06 49.82
CA GLY D 11 -13.02 20.83 50.88
C GLY D 11 -13.49 22.17 50.36
N LEU D 12 -13.87 23.03 51.30
CA LEU D 12 -14.33 24.38 50.98
C LEU D 12 -13.15 25.32 50.95
N VAL D 13 -13.07 26.16 49.91
CA VAL D 13 -12.01 27.14 49.78
C VAL D 13 -12.62 28.50 49.53
N GLN D 14 -11.92 29.53 50.00
CA GLN D 14 -12.40 30.90 49.89
C GLN D 14 -12.03 31.47 48.52
N PRO D 15 -12.73 32.51 48.06
CA PRO D 15 -12.40 33.10 46.76
C PRO D 15 -10.97 33.61 46.73
N GLY D 16 -10.30 33.36 45.61
CA GLY D 16 -8.89 33.66 45.48
C GLY D 16 -7.96 32.68 46.17
N GLY D 17 -8.50 31.69 46.87
CA GLY D 17 -7.67 30.70 47.52
C GLY D 17 -7.22 29.60 46.59
N SER D 18 -6.33 28.76 47.10
CA SER D 18 -5.78 27.64 46.34
C SER D 18 -6.00 26.36 47.13
N LEU D 19 -5.63 25.23 46.51
CA LEU D 19 -5.84 23.91 47.11
C LEU D 19 -5.03 22.88 46.33
N ARG D 20 -4.46 21.92 47.03
CA ARG D 20 -3.72 20.83 46.41
C ARG D 20 -4.43 19.51 46.67
N LEU D 21 -4.71 18.77 45.60
CA LEU D 21 -5.32 17.46 45.69
C LEU D 21 -4.28 16.37 45.49
N SER D 22 -4.39 15.31 46.26
CA SER D 22 -3.51 14.16 46.16
C SER D 22 -4.25 12.98 45.55
N CYS D 23 -3.51 12.17 44.79
CA CYS D 23 -4.05 10.94 44.21
C CYS D 23 -3.07 9.81 44.48
N ALA D 24 -3.31 9.05 45.55
CA ALA D 24 -2.44 7.95 45.93
C ALA D 24 -2.70 6.75 45.04
N ALA D 25 -1.66 6.26 44.38
CA ALA D 25 -1.76 5.15 43.45
C ALA D 25 -1.21 3.89 44.11
N SER D 26 -2.03 2.83 44.15
CA SER D 26 -1.64 1.53 44.64
C SER D 26 -1.93 0.48 43.59
N GLY D 27 -1.02 -0.49 43.45
CA GLY D 27 -1.17 -1.54 42.47
C GLY D 27 -0.40 -1.33 41.18
N PHE D 28 0.19 -0.15 40.99
CA PHE D 28 1.02 0.11 39.83
C PHE D 28 1.93 1.29 40.16
N SER D 29 3.12 1.27 39.56
CA SER D 29 4.10 2.32 39.79
C SER D 29 3.95 3.42 38.75
N LEU D 30 4.06 4.67 39.21
CA LEU D 30 4.07 5.80 38.28
C LEU D 30 5.33 5.83 37.44
N SER D 31 6.38 5.11 37.85
CA SER D 31 7.61 5.05 37.08
C SER D 31 7.52 4.13 35.88
N THR D 32 6.44 3.37 35.73
CA THR D 32 6.33 2.44 34.62
C THR D 32 6.17 3.17 33.30
N SER D 33 6.92 2.74 32.29
CA SER D 33 6.85 3.34 30.98
C SER D 33 5.45 3.17 30.38
N GLY D 34 4.89 4.26 29.88
CA GLY D 34 3.57 4.24 29.28
C GLY D 34 2.42 4.58 30.22
N ILE D 35 2.71 4.83 31.49
CA ILE D 35 1.69 5.05 32.51
C ILE D 35 1.58 6.53 32.80
N GLY D 36 0.36 7.01 33.03
CA GLY D 36 0.12 8.37 33.45
C GLY D 36 -1.13 8.45 34.29
N VAL D 37 -1.32 9.60 34.94
CA VAL D 37 -2.53 9.87 35.68
C VAL D 37 -3.25 11.04 35.03
N THR D 38 -4.56 11.13 35.30
CA THR D 38 -5.42 12.11 34.64
C THR D 38 -6.44 12.62 35.64
N TRP D 39 -6.63 13.93 35.66
CA TRP D 39 -7.63 14.54 36.53
C TRP D 39 -8.85 14.95 35.71
N VAL D 40 -10.03 14.62 36.20
CA VAL D 40 -11.29 14.94 35.55
C VAL D 40 -12.26 15.45 36.62
N ARG D 41 -12.92 16.56 36.33
CA ARG D 41 -13.89 17.12 37.26
C ARG D 41 -15.29 17.05 36.67
N GLN D 42 -16.27 17.10 37.56
CA GLN D 42 -17.68 17.03 37.18
C GLN D 42 -18.46 17.91 38.13
N ALA D 43 -19.02 19.01 37.62
CA ALA D 43 -19.84 19.88 38.45
C ALA D 43 -21.14 19.17 38.81
N PRO D 44 -21.67 19.42 40.01
CA PRO D 44 -22.88 18.71 40.45
C PRO D 44 -24.05 18.85 39.49
N GLY D 45 -24.44 17.74 38.87
CA GLY D 45 -25.50 17.73 37.88
C GLY D 45 -25.04 17.87 36.45
N LYS D 46 -23.80 18.30 36.23
CA LYS D 46 -23.26 18.52 34.90
C LYS D 46 -22.43 17.31 34.47
N GLY D 47 -21.76 17.43 33.32
CA GLY D 47 -21.01 16.34 32.75
C GLY D 47 -19.53 16.36 33.11
N LEU D 48 -18.79 15.49 32.45
CA LEU D 48 -17.37 15.33 32.72
C LEU D 48 -16.56 16.34 31.94
N GLU D 49 -15.53 16.87 32.58
CA GLU D 49 -14.59 17.81 31.96
C GLU D 49 -13.18 17.31 32.24
N TRP D 50 -12.40 17.08 31.18
CA TRP D 50 -11.01 16.70 31.36
C TRP D 50 -10.18 17.90 31.80
N LEU D 51 -9.22 17.67 32.70
CA LEU D 51 -8.41 18.75 33.27
C LEU D 51 -6.94 18.65 32.88
N ALA D 52 -6.20 17.67 33.40
CA ALA D 52 -4.77 17.58 33.15
C ALA D 52 -4.37 16.12 33.06
N THR D 53 -3.16 15.90 32.54
CA THR D 53 -2.60 14.55 32.43
C THR D 53 -1.09 14.68 32.51
N ILE D 54 -0.47 13.99 33.46
CA ILE D 54 0.97 13.87 33.54
C ILE D 54 1.35 12.45 33.15
N TRP D 55 2.43 12.33 32.39
CA TRP D 55 2.88 11.05 31.88
C TRP D 55 4.15 10.60 32.61
N TRP D 56 4.65 9.43 32.22
CA TRP D 56 5.79 8.82 32.90
C TRP D 56 7.08 9.60 32.67
N ASP D 57 7.14 10.43 31.63
CA ASP D 57 8.34 11.17 31.27
C ASP D 57 8.21 12.66 31.60
N ASP D 58 7.46 12.99 32.65
CA ASP D 58 7.21 14.36 33.11
C ASP D 58 6.47 15.21 32.09
N ASP D 59 5.98 14.61 31.01
CA ASP D 59 5.18 15.33 30.03
C ASP D 59 3.84 15.72 30.63
N ASN D 60 3.42 16.96 30.42
CA ASN D 60 2.18 17.49 30.96
C ASN D 60 1.27 17.97 29.84
N ARG D 61 -0.03 17.77 30.02
CA ARG D 61 -1.03 18.24 29.07
C ARG D 61 -2.18 18.85 29.87
N TYR D 62 -2.45 20.13 29.66
CA TYR D 62 -3.48 20.85 30.39
C TYR D 62 -4.63 21.23 29.48
N ALA D 63 -5.78 21.46 30.11
CA ALA D 63 -6.94 21.99 29.41
C ALA D 63 -6.90 23.51 29.43
N ASP D 64 -7.61 24.13 28.49
CA ASP D 64 -7.62 25.58 28.42
C ASP D 64 -8.35 26.20 29.61
N SER D 65 -9.25 25.46 30.25
CA SER D 65 -9.96 25.97 31.42
C SER D 65 -9.04 26.21 32.60
N VAL D 66 -7.85 25.60 32.61
CA VAL D 66 -7.01 25.58 33.80
C VAL D 66 -5.60 26.04 33.50
N LYS D 67 -5.36 26.50 32.26
CA LYS D 67 -4.03 27.00 31.91
C LYS D 67 -3.69 28.23 32.75
N GLY D 68 -2.49 28.23 33.32
CA GLY D 68 -2.04 29.30 34.18
C GLY D 68 -2.48 29.19 35.62
N ARG D 69 -3.43 28.31 35.93
CA ARG D 69 -3.93 28.14 37.30
C ARG D 69 -3.57 26.78 37.90
N PHE D 70 -3.82 25.69 37.18
CA PHE D 70 -3.60 24.36 37.71
C PHE D 70 -2.23 23.84 37.31
N THR D 71 -1.62 23.06 38.21
CA THR D 71 -0.32 22.46 37.97
C THR D 71 -0.35 21.01 38.42
N ILE D 72 -0.02 20.10 37.52
CA ILE D 72 -0.03 18.67 37.79
C ILE D 72 1.39 18.20 38.06
N SER D 73 1.55 17.33 39.06
CA SER D 73 2.85 16.87 39.50
C SER D 73 2.76 15.38 39.83
N ALA D 74 3.91 14.79 40.14
CA ALA D 74 3.96 13.39 40.52
C ALA D 74 5.22 13.13 41.33
N ASP D 75 5.07 12.49 42.49
CA ASP D 75 6.19 12.09 43.33
C ASP D 75 6.33 10.57 43.22
N THR D 76 7.32 10.13 42.44
CA THR D 76 7.52 8.69 42.25
C THR D 76 7.93 7.99 43.53
N SER D 77 8.49 8.72 44.50
CA SER D 77 8.82 8.14 45.80
C SER D 77 7.57 7.67 46.52
N LYS D 78 6.63 8.58 46.77
CA LYS D 78 5.36 8.24 47.40
C LYS D 78 4.37 7.62 46.43
N ASN D 79 4.70 7.57 45.14
CA ASN D 79 3.83 7.00 44.10
C ASN D 79 2.43 7.61 44.15
N THR D 80 2.38 8.93 44.36
CA THR D 80 1.14 9.68 44.31
C THR D 80 1.25 10.79 43.27
N ALA D 81 0.11 11.32 42.86
CA ALA D 81 0.02 12.43 41.95
C ALA D 81 -0.65 13.61 42.64
N TYR D 82 -0.39 14.81 42.10
CA TYR D 82 -0.89 16.04 42.71
C TYR D 82 -1.49 16.95 41.64
N LEU D 83 -2.36 17.84 42.10
CA LEU D 83 -2.94 18.88 41.25
C LEU D 83 -3.06 20.14 42.09
N GLN D 84 -2.14 21.08 41.91
CA GLN D 84 -2.16 22.35 42.62
C GLN D 84 -3.11 23.29 41.89
N MET D 85 -4.23 23.62 42.52
CA MET D 85 -5.28 24.44 41.91
C MET D 85 -5.19 25.83 42.51
N ASN D 86 -4.60 26.76 41.78
CA ASN D 86 -4.54 28.15 42.19
C ASN D 86 -5.64 28.96 41.52
N CYS D 87 -5.99 30.09 42.15
CA CYS D 87 -6.94 31.05 41.60
C CYS D 87 -8.28 30.38 41.30
N LEU D 88 -8.92 29.89 42.37
CA LEU D 88 -10.17 29.15 42.23
C LEU D 88 -11.36 30.09 42.26
N THR D 89 -12.37 29.78 41.45
CA THR D 89 -13.62 30.52 41.39
C THR D 89 -14.76 29.52 41.54
N ALA D 90 -15.99 30.04 41.67
CA ALA D 90 -17.16 29.19 41.82
C ALA D 90 -17.36 28.27 40.63
N GLU D 91 -16.87 28.65 39.44
CA GLU D 91 -16.94 27.77 38.29
C GLU D 91 -16.04 26.55 38.43
N ASP D 92 -15.21 26.49 39.48
CA ASP D 92 -14.36 25.34 39.76
C ASP D 92 -14.95 24.40 40.81
N THR D 93 -16.15 24.67 41.29
CA THR D 93 -16.81 23.77 42.23
C THR D 93 -17.26 22.52 41.49
N ALA D 94 -16.71 21.37 41.86
CA ALA D 94 -16.99 20.11 41.19
C ALA D 94 -16.40 18.97 42.00
N VAL D 95 -16.77 17.75 41.62
CA VAL D 95 -16.14 16.54 42.13
C VAL D 95 -14.96 16.22 41.23
N TYR D 96 -13.79 15.98 41.83
CA TYR D 96 -12.55 15.80 41.08
C TYR D 96 -12.10 14.35 41.19
N TYR D 97 -12.07 13.65 40.05
CA TYR D 97 -11.57 12.29 39.95
C TYR D 97 -10.13 12.28 39.44
N CYS D 98 -9.39 11.24 39.81
CA CYS D 98 -8.12 10.93 39.17
C CYS D 98 -8.23 9.53 38.59
N ALA D 99 -7.80 9.36 37.34
CA ALA D 99 -7.89 8.09 36.65
C ALA D 99 -6.51 7.71 36.12
N GLN D 100 -6.35 6.41 35.86
CA GLN D 100 -5.09 5.90 35.33
C GLN D 100 -5.10 6.00 33.82
N SER D 101 -4.15 6.76 33.27
CA SER D 101 -3.95 6.87 31.82
C SER D 101 -2.76 6.02 31.42
N ALA D 102 -2.93 5.19 30.40
CA ALA D 102 -1.87 4.30 29.99
C ALA D 102 -1.94 4.08 28.48
N ILE D 103 -0.83 4.31 27.80
CA ILE D 103 -0.70 3.97 26.38
C ILE D 103 -0.31 2.50 26.33
N THR D 104 -1.29 1.63 26.09
CA THR D 104 -1.07 0.19 26.16
C THR D 104 -0.62 -0.42 24.83
N SER D 105 -0.98 0.19 23.71
CA SER D 105 -0.63 -0.36 22.41
C SER D 105 -0.40 0.78 21.44
N VAL D 106 -0.25 0.43 20.15
CA VAL D 106 -0.12 1.45 19.12
C VAL D 106 -1.39 2.26 18.98
N THR D 107 -2.51 1.72 19.41
CA THR D 107 -3.81 2.32 19.15
C THR D 107 -4.67 2.56 20.38
N ASP D 108 -4.36 1.99 21.53
CA ASP D 108 -5.24 2.03 22.70
C ASP D 108 -4.70 2.99 23.75
N SER D 109 -5.55 3.90 24.20
CA SER D 109 -5.25 4.79 25.32
C SER D 109 -6.56 5.31 25.88
N ALA D 110 -6.83 5.05 27.15
CA ALA D 110 -8.10 5.45 27.77
C ALA D 110 -7.86 5.80 29.23
N MET D 111 -8.95 5.93 29.98
CA MET D 111 -8.90 6.22 31.41
C MET D 111 -9.63 5.11 32.16
N ASP D 112 -8.92 4.44 33.06
CA ASP D 112 -9.46 3.31 33.79
C ASP D 112 -9.19 3.45 35.28
N HIS D 113 -9.91 2.66 36.07
CA HIS D 113 -9.77 2.63 37.53
C HIS D 113 -9.99 4.03 38.12
N TRP D 114 -11.15 4.59 37.83
CA TRP D 114 -11.50 5.91 38.35
C TRP D 114 -11.68 5.85 39.86
N GLY D 115 -11.11 6.84 40.54
CA GLY D 115 -11.29 6.94 41.97
C GLY D 115 -12.71 7.31 42.35
N GLN D 116 -12.96 7.29 43.67
CA GLN D 116 -14.28 7.64 44.16
C GLN D 116 -14.60 9.12 43.93
N GLY D 117 -13.59 9.98 44.00
CA GLY D 117 -13.77 11.39 43.74
C GLY D 117 -13.89 12.23 44.99
N THR D 118 -13.13 13.32 45.07
CA THR D 118 -13.20 14.26 46.17
C THR D 118 -13.88 15.54 45.72
N LEU D 119 -14.64 16.15 46.63
CA LEU D 119 -15.42 17.33 46.31
C LEU D 119 -14.67 18.61 46.65
N VAL D 120 -14.75 19.58 45.76
CA VAL D 120 -14.17 20.91 45.97
C VAL D 120 -15.27 21.93 45.78
N THR D 121 -15.47 22.80 46.77
CA THR D 121 -16.46 23.85 46.73
C THR D 121 -15.79 25.19 47.00
N VAL D 122 -16.14 26.20 46.20
CA VAL D 122 -15.58 27.54 46.32
C VAL D 122 -16.70 28.49 46.71
N SER D 123 -16.48 29.27 47.76
CA SER D 123 -17.51 30.19 48.25
C SER D 123 -17.61 31.40 47.34
N SER D 124 -18.78 32.05 47.38
CA SER D 124 -19.03 33.26 46.61
C SER D 124 -20.23 34.03 47.14
N1 OMC E 7 14.80 6.36 -28.08
C2 OMC E 7 13.72 7.34 -28.41
N3 OMC E 7 12.83 7.09 -29.57
C4 OMC E 7 12.99 5.90 -30.38
C5 OMC E 7 14.06 4.92 -30.05
C6 OMC E 7 14.96 5.17 -28.91
O2 OMC E 7 13.59 8.32 -27.74
N4 OMC E 7 12.11 5.65 -31.52
C1' OMC E 7 15.68 6.62 -26.93
C2' OMC E 7 15.07 6.12 -25.62
O2' OMC E 7 15.57 6.91 -24.55
CM2 OMC E 7 15.03 8.20 -24.47
C3' OMC E 7 15.63 4.71 -25.56
C4' OMC E 7 17.05 4.92 -26.06
O4' OMC E 7 16.89 5.91 -27.11
O3' OMC E 7 15.55 4.12 -24.27
C5' OMC E 7 17.74 3.69 -26.61
O5' OMC E 7 16.89 2.97 -27.48
P OMC E 7 17.47 1.76 -28.35
OP1 OMC E 7 18.18 0.80 -27.42
OP2 OMC E 7 16.35 1.26 -29.24
N1 OMC E 9 5.92 5.83 -23.59
C2 OMC E 9 5.18 6.07 -24.86
N3 OMC E 9 5.50 5.28 -26.08
C4 OMC E 9 6.54 4.26 -26.03
C5 OMC E 9 7.29 4.03 -24.78
C6 OMC E 9 6.97 4.81 -23.57
O2 OMC E 9 4.32 6.90 -24.90
N4 OMC E 9 6.86 3.48 -27.23
C1' OMC E 9 5.61 6.62 -22.39
C2' OMC E 9 4.44 6.03 -21.60
O2' OMC E 9 3.73 7.10 -20.98
CM2 OMC E 9 3.04 7.92 -21.88
C3' OMC E 9 5.16 5.19 -20.56
C4' OMC E 9 6.41 6.02 -20.27
O4' OMC E 9 6.74 6.62 -21.55
O3' OMC E 9 4.38 4.94 -19.40
C5' OMC E 9 7.61 5.26 -19.75
O5' OMC E 9 8.08 4.32 -20.71
P OMC E 9 9.55 3.72 -20.61
OP1 OMC E 9 9.76 3.21 -19.19
OP2 OMC E 9 9.76 2.77 -21.76
S SO4 F . -4.38 6.48 11.81
O1 SO4 F . -3.18 6.40 10.98
O2 SO4 F . -5.15 7.66 11.43
O3 SO4 F . -3.97 6.58 13.21
O4 SO4 F . -5.19 5.29 11.64
S SO4 G . 2.51 14.74 20.47
O1 SO4 G . 3.26 15.74 19.73
O2 SO4 G . 2.22 13.61 19.61
O3 SO4 G . 3.29 14.30 21.63
O4 SO4 G . 1.25 15.34 20.93
S SO4 H . -8.26 5.80 6.26
O1 SO4 H . -6.91 6.12 5.78
O2 SO4 H . -9.20 5.76 5.14
O3 SO4 H . -8.70 6.80 7.23
O4 SO4 H . -8.24 4.49 6.92
S SO4 I . 10.06 0.09 31.96
O1 SO4 I . 10.51 0.87 30.81
O2 SO4 I . 9.45 -1.15 31.47
O3 SO4 I . 9.06 0.85 32.70
O4 SO4 I . 11.19 -0.21 32.83
S SO4 J . 4.07 -6.66 22.49
O1 SO4 J . 3.75 -5.86 21.31
O2 SO4 J . 5.04 -7.68 22.13
O3 SO4 J . 4.66 -5.78 23.51
O4 SO4 J . 2.87 -7.28 23.01
S SO4 K . 14.34 -22.49 23.42
O1 SO4 K . 15.62 -21.78 23.32
O2 SO4 K . 14.01 -23.07 22.11
O3 SO4 K . 14.46 -23.56 24.40
O4 SO4 K . 13.29 -21.56 23.83
S SO4 L . -9.56 -12.38 20.27
O1 SO4 L . -8.84 -11.18 19.84
O2 SO4 L . -10.62 -12.68 19.31
O3 SO4 L . -10.15 -12.16 21.58
O4 SO4 L . -8.63 -13.51 20.33
S SO4 M . 8.59 17.18 15.13
O1 SO4 M . 8.63 18.63 15.02
O2 SO4 M . 9.74 16.61 14.43
O3 SO4 M . 8.64 16.79 16.54
O4 SO4 M . 7.35 16.67 14.53
C1 GOL N . 0.34 -12.14 20.59
O1 GOL N . 0.91 -12.04 21.86
C2 GOL N . 1.46 -12.65 19.64
O2 GOL N . 2.36 -11.65 19.29
C3 GOL N . 0.72 -13.22 18.41
O3 GOL N . 1.66 -13.98 17.70
S SO4 O . -6.96 -0.50 27.91
O1 SO4 O . -6.43 0.73 27.34
O2 SO4 O . -6.42 -1.65 27.19
O3 SO4 O . -6.60 -0.60 29.32
O4 SO4 O . -8.42 -0.52 27.81
S SO4 P . -21.35 -2.82 32.88
O1 SO4 P . -21.16 -2.56 31.47
O2 SO4 P . -21.02 -4.21 33.18
O3 SO4 P . -20.46 -1.96 33.66
O4 SO4 P . -22.73 -2.54 33.24
S SO4 Q . -32.40 16.08 22.58
O1 SO4 Q . -33.50 15.79 21.66
O2 SO4 Q . -31.15 15.63 21.99
O3 SO4 Q . -32.64 15.36 23.83
O4 SO4 Q . -32.33 17.51 22.83
#